data_5O03
#
_entry.id   5O03
#
_cell.length_a   109.660
_cell.length_b   109.660
_cell.length_c   268.320
_cell.angle_alpha   90.000
_cell.angle_beta   90.000
_cell.angle_gamma   90.000
#
_symmetry.space_group_name_H-M   'P 41 21 2'
#
loop_
_entity.id
_entity.type
_entity.pdbx_description
1 polymer 'Capsid protein'
2 polymer 'Nanobody (VHH) Nano-32'
3 non-polymer IMIDAZOLE
4 non-polymer 1,2-ETHANEDIOL
5 water water
#
loop_
_entity_poly.entity_id
_entity_poly.type
_entity_poly.pdbx_seq_one_letter_code
_entity_poly.pdbx_strand_id
1 'polypeptide(L)'
;SKPFTLPILTLGELTNSRFPLPIDVLYTNPNESAIVQCQNGRCTLDGELQGTTQLLPTGICAFRGKVTQQVQDEHRGTHW
NMTVTNLNGTPFDPTEDVPAPLGTPDFSGQIYGVISQRNTNTVPGEGNLPANRAHEAVIATYSPKFTPKLGNIQFSTWET
QDVSSGQPTKFTPVGLASVDANSHFDQWTLPSYSGALTLNMNLAPSVAPVFPGECLLFFRSFIPLKGGYGNPAIDCLMPQ
EWVQHLYQESAPSLSDVALVRYVNPETGRTLFEAKLHRNGFLTVARNSAGPVVAPTNGYFRFDSWVNQFYTLAPM
;
A,B
2 'polypeptide(L)'
;QVQLQESGGGLVQPGGSLRLSCAASGFTLGYYPIGWFRQAPGKGLEGVSCISGSGGSANYAASVKGRFTISRDNAKNTVY
LQMNSLKPEDTAIYYCAADLSSLTTVQAMCVIPRPGFSAKAYDYWGLGTQVTVSS
;
C,D
#
loop_
_chem_comp.id
_chem_comp.type
_chem_comp.name
_chem_comp.formula
EDO non-polymer 1,2-ETHANEDIOL 'C2 H6 O2'
IMD non-polymer IMIDAZOLE 'C3 H5 N2 1'
#
# COMPACT_ATOMS: atom_id res chain seq x y z
N SER A 1 15.69 3.42 -29.86
CA SER A 1 14.56 2.83 -29.15
C SER A 1 14.95 2.38 -27.75
N LYS A 2 14.26 2.92 -26.75
CA LYS A 2 14.50 2.60 -25.34
C LYS A 2 14.26 1.11 -25.05
N PRO A 3 15.30 0.40 -24.60
CA PRO A 3 15.19 -1.05 -24.36
C PRO A 3 14.17 -1.37 -23.28
N PHE A 4 13.33 -2.36 -23.55
CA PHE A 4 12.34 -2.84 -22.60
C PHE A 4 13.00 -3.59 -21.45
N THR A 5 12.57 -3.30 -20.23
CA THR A 5 13.10 -3.99 -19.06
C THR A 5 12.01 -4.28 -18.04
N LEU A 6 12.31 -5.20 -17.13
CA LEU A 6 11.47 -5.47 -15.98
C LEU A 6 12.28 -5.13 -14.74
N PRO A 7 11.61 -4.74 -13.64
CA PRO A 7 12.36 -4.42 -12.43
C PRO A 7 12.96 -5.69 -11.81
N ILE A 8 14.05 -5.55 -11.06
CA ILE A 8 14.63 -6.71 -10.40
C ILE A 8 14.04 -6.87 -9.01
N LEU A 9 12.92 -7.61 -8.93
CA LEU A 9 12.22 -7.82 -7.68
C LEU A 9 11.81 -9.29 -7.56
N THR A 10 12.20 -9.93 -6.47
CA THR A 10 11.78 -11.31 -6.24
C THR A 10 10.31 -11.34 -5.85
N LEU A 11 9.73 -12.51 -5.78
CA LEU A 11 8.29 -12.63 -5.58
C LEU A 11 7.85 -11.99 -4.26
N GLY A 12 8.70 -12.12 -3.24
CA GLY A 12 8.43 -11.54 -1.94
C GLY A 12 8.68 -10.04 -1.88
N GLU A 13 9.09 -9.45 -2.99
CA GLU A 13 9.26 -8.00 -3.08
C GLU A 13 8.24 -7.41 -4.03
N LEU A 14 7.13 -8.13 -4.25
CA LEU A 14 6.09 -7.66 -5.16
C LEU A 14 4.75 -7.48 -4.47
N THR A 15 3.95 -6.57 -5.00
CA THR A 15 2.66 -6.18 -4.46
C THR A 15 1.56 -6.45 -5.47
N ASN A 16 0.40 -6.89 -5.00
CA ASN A 16 -0.76 -7.13 -5.86
C ASN A 16 -1.28 -5.80 -6.40
N SER A 17 -1.71 -5.80 -7.65
CA SER A 17 -2.20 -4.57 -8.28
C SER A 17 -3.72 -4.43 -8.19
N ARG A 18 -4.39 -5.43 -7.62
CA ARG A 18 -5.85 -5.43 -7.55
C ARG A 18 -6.37 -5.34 -6.11
N PHE A 19 -5.48 -5.52 -5.15
CA PHE A 19 -5.78 -5.33 -3.74
C PHE A 19 -4.47 -5.09 -3.01
N PRO A 20 -4.47 -4.21 -1.99
CA PRO A 20 -3.23 -3.88 -1.28
C PRO A 20 -2.66 -5.08 -0.49
N LEU A 21 -2.04 -6.00 -1.21
CA LEU A 21 -1.51 -7.23 -0.61
C LEU A 21 -0.17 -7.59 -1.23
N PRO A 22 0.72 -8.22 -0.46
CA PRO A 22 1.94 -8.73 -1.10
C PRO A 22 1.59 -9.92 -2.00
N ILE A 23 2.39 -10.16 -3.04
CA ILE A 23 2.22 -11.38 -3.82
C ILE A 23 2.64 -12.59 -3.00
N ASP A 24 1.77 -13.60 -2.94
CA ASP A 24 2.07 -14.82 -2.18
C ASP A 24 2.62 -15.94 -3.06
N VAL A 25 1.96 -16.20 -4.19
CA VAL A 25 2.40 -17.27 -5.11
C VAL A 25 2.08 -16.93 -6.56
N LEU A 26 2.79 -17.58 -7.47
CA LEU A 26 2.38 -17.61 -8.87
C LEU A 26 1.29 -18.68 -9.00
N TYR A 27 0.37 -18.47 -9.92
CA TYR A 27 -0.81 -19.34 -9.98
C TYR A 27 -1.35 -19.49 -11.39
N THR A 28 -1.85 -20.69 -11.72
CA THR A 28 -2.52 -20.91 -12.99
C THR A 28 -3.86 -21.58 -12.75
N ASN A 29 -4.79 -21.39 -13.68
CA ASN A 29 -6.06 -22.08 -13.66
C ASN A 29 -6.60 -22.23 -15.09
N PRO A 30 -6.02 -23.18 -15.86
CA PRO A 30 -6.33 -23.40 -17.28
C PRO A 30 -7.80 -23.61 -17.59
N ASN A 31 -8.53 -24.25 -16.68
CA ASN A 31 -9.91 -24.62 -16.95
C ASN A 31 -10.91 -23.57 -16.50
N GLU A 32 -10.40 -22.39 -16.19
CA GLU A 32 -11.26 -21.27 -15.83
C GLU A 32 -12.24 -20.96 -16.96
N SER A 33 -13.53 -20.99 -16.65
CA SER A 33 -14.57 -20.70 -17.63
C SER A 33 -14.86 -19.20 -17.71
N ALA A 34 -14.48 -18.46 -16.67
CA ALA A 34 -14.77 -17.03 -16.62
C ALA A 34 -13.90 -16.24 -17.59
N ILE A 35 -14.44 -15.13 -18.06
CA ILE A 35 -13.67 -14.18 -18.84
C ILE A 35 -12.82 -13.34 -17.91
N VAL A 36 -11.52 -13.28 -18.19
CA VAL A 36 -10.62 -12.47 -17.40
C VAL A 36 -10.53 -11.04 -17.97
N GLN A 37 -11.13 -10.08 -17.27
CA GLN A 37 -11.15 -8.70 -17.73
C GLN A 37 -11.10 -7.71 -16.56
N CYS A 38 -10.12 -7.90 -15.69
CA CYS A 38 -9.95 -7.04 -14.53
C CYS A 38 -9.49 -5.66 -15.00
N GLN A 39 -9.76 -4.65 -14.18
CA GLN A 39 -9.55 -3.26 -14.55
C GLN A 39 -8.43 -2.57 -13.77
N ASN A 40 -8.07 -3.12 -12.61
CA ASN A 40 -6.89 -2.66 -11.92
C ASN A 40 -5.69 -3.52 -12.29
N GLY A 41 -4.49 -2.95 -12.17
CA GLY A 41 -3.30 -3.65 -12.59
C GLY A 41 -3.23 -3.85 -14.09
N ARG A 42 -3.77 -2.89 -14.85
CA ARG A 42 -3.77 -2.98 -16.31
C ARG A 42 -2.84 -1.91 -16.91
N CYS A 43 -1.83 -2.38 -17.63
CA CYS A 43 -0.86 -1.49 -18.24
C CYS A 43 -0.21 -2.16 -19.44
N THR A 44 -0.16 -1.47 -20.58
CA THR A 44 0.53 -2.03 -21.73
C THR A 44 2.02 -2.07 -21.44
N LEU A 45 2.74 -2.88 -22.20
CA LEU A 45 4.18 -3.00 -22.04
C LEU A 45 4.90 -1.69 -22.38
N ASP A 46 4.30 -0.83 -23.20
CA ASP A 46 4.97 0.44 -23.50
C ASP A 46 4.50 1.57 -22.57
N GLY A 47 3.77 1.22 -21.51
CA GLY A 47 3.52 2.13 -20.42
C GLY A 47 2.17 2.85 -20.37
N GLU A 48 1.17 2.34 -21.09
CA GLU A 48 -0.14 2.96 -21.08
C GLU A 48 -1.05 2.29 -20.04
N LEU A 49 -1.43 3.04 -19.01
CA LEU A 49 -2.36 2.52 -18.00
C LEU A 49 -3.75 2.38 -18.59
N GLN A 50 -4.50 1.36 -18.19
CA GLN A 50 -5.84 1.17 -18.73
C GLN A 50 -6.82 0.87 -17.60
N GLY A 51 -8.10 0.80 -17.95
CA GLY A 51 -9.14 0.52 -16.96
C GLY A 51 -9.20 1.55 -15.86
N THR A 52 -9.17 1.09 -14.61
CA THR A 52 -9.21 1.98 -13.45
C THR A 52 -7.85 2.05 -12.78
N THR A 53 -6.82 1.65 -13.51
CA THR A 53 -5.48 1.50 -12.94
C THR A 53 -4.82 2.84 -12.67
N GLN A 54 -4.32 3.01 -11.45
CA GLN A 54 -3.52 4.19 -11.11
C GLN A 54 -2.24 3.71 -10.41
N LEU A 55 -1.34 4.63 -10.10
CA LEU A 55 0.01 4.27 -9.70
C LEU A 55 0.19 3.96 -8.20
N LEU A 56 -0.64 4.55 -7.35
CA LEU A 56 -0.49 4.43 -5.90
C LEU A 56 -0.97 3.08 -5.34
N PRO A 57 -0.11 2.41 -4.57
CA PRO A 57 -0.51 1.18 -3.87
C PRO A 57 -1.61 1.45 -2.84
N THR A 58 -1.60 2.65 -2.27
CA THR A 58 -2.64 3.07 -1.33
C THR A 58 -3.97 3.41 -2.01
N GLY A 59 -3.94 3.58 -3.33
CA GLY A 59 -5.14 3.90 -4.08
C GLY A 59 -5.96 2.68 -4.52
N ILE A 60 -5.37 1.50 -4.43
CA ILE A 60 -6.06 0.30 -4.93
C ILE A 60 -7.22 -0.12 -4.04
N CYS A 61 -8.42 -0.10 -4.61
CA CYS A 61 -9.68 -0.36 -3.88
C CYS A 61 -9.92 0.64 -2.75
N ALA A 62 -9.34 1.83 -2.88
CA ALA A 62 -9.57 2.87 -1.91
C ALA A 62 -10.62 3.85 -2.43
N PHE A 63 -11.31 4.52 -1.51
CA PHE A 63 -12.22 5.60 -1.87
C PHE A 63 -11.93 6.83 -1.05
N ARG A 64 -12.18 7.97 -1.67
CA ARG A 64 -12.08 9.25 -1.02
C ARG A 64 -13.32 10.04 -1.37
N GLY A 65 -13.85 10.80 -0.42
CA GLY A 65 -15.03 11.60 -0.68
C GLY A 65 -15.72 12.15 0.55
N LYS A 66 -17.05 12.13 0.50
CA LYS A 66 -17.86 12.73 1.55
C LYS A 66 -19.16 11.98 1.74
N VAL A 67 -19.48 11.67 3.00
CA VAL A 67 -20.77 11.09 3.34
C VAL A 67 -21.87 12.13 3.20
N THR A 68 -22.94 11.79 2.47
CA THR A 68 -24.05 12.72 2.31
C THR A 68 -25.10 12.53 3.40
N GLN A 69 -25.47 11.27 3.66
CA GLN A 69 -26.49 10.95 4.65
C GLN A 69 -26.50 9.46 4.99
N GLN A 70 -27.19 9.12 6.08
CA GLN A 70 -27.53 7.75 6.38
C GLN A 70 -28.66 7.33 5.45
N VAL A 71 -28.69 6.07 5.04
CA VAL A 71 -29.73 5.60 4.14
C VAL A 71 -30.38 4.31 4.63
N GLN A 72 -31.54 3.99 4.08
CA GLN A 72 -32.24 2.75 4.41
C GLN A 72 -31.84 1.64 3.43
N ASP A 73 -31.73 0.43 3.95
CA ASP A 73 -31.29 -0.72 3.16
C ASP A 73 -31.80 -2.01 3.79
N GLU A 74 -32.21 -2.95 2.93
CA GLU A 74 -32.80 -4.21 3.38
C GLU A 74 -31.80 -5.16 4.03
N HIS A 75 -30.50 -4.98 3.78
CA HIS A 75 -29.52 -5.88 4.39
C HIS A 75 -29.15 -5.43 5.81
N ARG A 76 -28.37 -6.26 6.50
CA ARG A 76 -27.97 -5.99 7.88
C ARG A 76 -27.04 -4.80 8.01
N GLY A 77 -27.12 -4.12 9.16
CA GLY A 77 -26.24 -3.00 9.45
C GLY A 77 -26.81 -1.62 9.21
N THR A 78 -26.00 -0.61 9.53
CA THR A 78 -26.34 0.78 9.29
C THR A 78 -25.69 1.22 7.97
N HIS A 79 -26.44 1.93 7.13
CA HIS A 79 -25.97 2.19 5.78
C HIS A 79 -25.79 3.67 5.48
N TRP A 80 -24.77 3.97 4.67
CA TRP A 80 -24.37 5.34 4.40
C TRP A 80 -24.06 5.56 2.93
N ASN A 81 -24.52 6.69 2.40
CA ASN A 81 -24.19 7.09 1.04
C ASN A 81 -23.03 8.07 1.04
N MET A 82 -22.00 7.83 0.24
CA MET A 82 -20.92 8.81 0.12
C MET A 82 -20.67 9.12 -1.35
N THR A 83 -20.46 10.41 -1.63
CA THR A 83 -19.99 10.82 -2.93
C THR A 83 -18.52 10.48 -3.01
N VAL A 84 -18.02 10.16 -4.19
CA VAL A 84 -16.61 9.87 -4.33
C VAL A 84 -15.95 10.93 -5.19
N THR A 85 -14.75 11.33 -4.78
CA THR A 85 -13.92 12.20 -5.58
C THR A 85 -12.82 11.34 -6.18
N ASN A 86 -11.97 11.94 -7.02
CA ASN A 86 -10.78 11.23 -7.43
C ASN A 86 -9.84 11.11 -6.24
N LEU A 87 -8.99 10.09 -6.28
CA LEU A 87 -8.09 9.83 -5.17
C LEU A 87 -7.11 10.97 -4.94
N ASN A 88 -6.78 11.73 -5.98
CA ASN A 88 -5.84 12.84 -5.82
C ASN A 88 -6.56 14.12 -5.41
N GLY A 89 -7.85 14.03 -5.10
CA GLY A 89 -8.60 15.17 -4.62
C GLY A 89 -9.35 15.96 -5.69
N THR A 90 -9.03 15.72 -6.95
CA THR A 90 -9.74 16.40 -8.03
C THR A 90 -11.19 15.92 -8.08
N PRO A 91 -12.10 16.80 -8.52
CA PRO A 91 -13.53 16.49 -8.60
C PRO A 91 -13.87 15.29 -9.46
N PHE A 92 -14.90 14.55 -9.03
CA PHE A 92 -15.51 13.53 -9.86
C PHE A 92 -15.95 14.14 -11.18
N ASP A 93 -15.52 13.55 -12.28
CA ASP A 93 -15.89 13.99 -13.61
C ASP A 93 -16.36 12.80 -14.44
N PRO A 94 -17.67 12.75 -14.74
CA PRO A 94 -18.25 11.62 -15.46
C PRO A 94 -17.72 11.48 -16.89
N THR A 95 -17.17 12.56 -17.44
CA THR A 95 -16.72 12.55 -18.84
C THR A 95 -15.32 11.95 -19.04
N GLU A 96 -14.58 11.71 -17.96
CA GLU A 96 -13.27 11.08 -18.09
CA GLU A 96 -13.27 11.09 -18.09
C GLU A 96 -13.43 9.67 -18.69
N ASP A 97 -12.55 9.34 -19.63
CA ASP A 97 -12.66 8.08 -20.38
C ASP A 97 -12.17 6.86 -19.57
N VAL A 98 -12.82 6.61 -18.45
CA VAL A 98 -12.47 5.52 -17.56
C VAL A 98 -13.76 4.83 -17.13
N PRO A 99 -13.66 3.57 -16.72
CA PRO A 99 -14.86 2.83 -16.26
C PRO A 99 -15.46 3.43 -15.00
N ALA A 100 -14.59 4.02 -14.19
CA ALA A 100 -14.94 4.48 -12.86
C ALA A 100 -13.77 5.30 -12.36
N PRO A 101 -13.92 6.00 -11.22
CA PRO A 101 -12.74 6.69 -10.67
C PRO A 101 -11.58 5.72 -10.47
N LEU A 102 -10.37 6.16 -10.77
CA LEU A 102 -9.21 5.27 -10.70
C LEU A 102 -9.07 4.71 -9.30
N GLY A 103 -8.77 3.42 -9.22
CA GLY A 103 -8.61 2.73 -7.94
C GLY A 103 -9.85 1.99 -7.47
N THR A 104 -11.00 2.28 -8.09
CA THR A 104 -12.24 1.59 -7.79
C THR A 104 -12.05 0.07 -7.90
N PRO A 105 -12.58 -0.68 -6.93
CA PRO A 105 -12.51 -2.15 -6.98
C PRO A 105 -13.04 -2.71 -8.28
N ASP A 106 -12.39 -3.75 -8.81
CA ASP A 106 -12.78 -4.31 -10.10
C ASP A 106 -13.38 -5.71 -9.98
N PHE A 107 -13.96 -6.03 -8.83
CA PHE A 107 -14.56 -7.35 -8.68
C PHE A 107 -15.80 -7.31 -7.81
N SER A 108 -16.64 -8.31 -7.96
CA SER A 108 -17.86 -8.44 -7.18
C SER A 108 -17.53 -8.99 -5.81
N GLY A 109 -18.06 -8.36 -4.76
CA GLY A 109 -17.88 -8.89 -3.43
C GLY A 109 -18.18 -7.88 -2.34
N GLN A 110 -18.07 -8.33 -1.10
CA GLN A 110 -18.22 -7.42 0.04
C GLN A 110 -16.84 -7.04 0.54
N ILE A 111 -16.41 -5.82 0.20
CA ILE A 111 -15.07 -5.38 0.58
C ILE A 111 -15.07 -4.77 1.97
N TYR A 112 -14.22 -5.34 2.82
CA TYR A 112 -14.12 -4.95 4.21
C TYR A 112 -12.94 -4.00 4.41
N GLY A 113 -13.17 -2.96 5.19
CA GLY A 113 -12.13 -1.98 5.45
C GLY A 113 -12.53 -1.05 6.57
N VAL A 114 -11.87 0.10 6.64
CA VAL A 114 -12.18 1.09 7.64
C VAL A 114 -12.54 2.42 6.98
N ILE A 115 -13.70 2.95 7.34
CA ILE A 115 -14.08 4.31 6.97
C ILE A 115 -13.57 5.23 8.06
N SER A 116 -12.80 6.25 7.67
CA SER A 116 -12.29 7.22 8.64
C SER A 116 -12.63 8.63 8.19
N GLN A 117 -12.86 9.51 9.16
CA GLN A 117 -13.19 10.90 8.86
C GLN A 117 -12.37 11.90 9.66
N ARG A 118 -11.93 12.97 9.00
CA ARG A 118 -11.40 14.14 9.69
C ARG A 118 -12.19 15.36 9.26
N ASN A 119 -12.81 16.04 10.22
CA ASN A 119 -13.68 17.15 9.92
C ASN A 119 -12.90 18.35 9.37
N THR A 120 -13.56 19.12 8.52
CA THR A 120 -12.98 20.37 8.05
C THR A 120 -13.11 21.36 9.19
N ASN A 121 -12.18 22.31 9.27
CA ASN A 121 -12.31 23.38 10.23
C ASN A 121 -11.91 24.71 9.62
N THR A 122 -12.92 25.51 9.30
CA THR A 122 -12.73 26.81 8.67
C THR A 122 -12.41 27.90 9.70
N VAL A 123 -11.59 27.55 10.69
CA VAL A 123 -11.22 28.50 11.73
C VAL A 123 -9.70 28.62 11.86
N LEU A 129 -8.64 22.19 16.37
CA LEU A 129 -8.30 20.81 16.04
C LEU A 129 -9.54 20.01 15.66
N PRO A 130 -9.55 19.43 14.45
CA PRO A 130 -10.72 18.71 13.93
C PRO A 130 -11.09 17.48 14.74
N ALA A 131 -12.37 17.15 14.74
CA ALA A 131 -12.84 15.90 15.33
C ALA A 131 -12.60 14.75 14.35
N ASN A 132 -12.37 13.55 14.88
CA ASN A 132 -12.10 12.39 14.04
C ASN A 132 -12.95 11.19 14.44
N ARG A 133 -13.18 10.30 13.49
CA ARG A 133 -13.76 9.01 13.81
C ARG A 133 -13.40 8.01 12.73
N ALA A 134 -13.31 6.74 13.12
CA ALA A 134 -13.11 5.64 12.18
C ALA A 134 -13.91 4.44 12.63
N HIS A 135 -14.46 3.72 11.66
CA HIS A 135 -15.24 2.52 11.95
C HIS A 135 -15.02 1.47 10.87
N GLU A 136 -15.16 0.21 11.25
CA GLU A 136 -15.18 -0.87 10.29
C GLU A 136 -16.33 -0.64 9.33
N ALA A 137 -16.13 -0.93 8.06
CA ALA A 137 -17.16 -0.73 7.06
C ALA A 137 -17.10 -1.78 5.98
N VAL A 138 -18.24 -2.00 5.33
CA VAL A 138 -18.31 -2.94 4.22
C VAL A 138 -18.91 -2.26 2.99
N ILE A 139 -18.26 -2.44 1.85
CA ILE A 139 -18.77 -1.95 0.58
C ILE A 139 -19.10 -3.12 -0.33
N ALA A 140 -20.39 -3.31 -0.60
CA ALA A 140 -20.84 -4.39 -1.49
C ALA A 140 -20.84 -3.91 -2.93
N THR A 141 -19.88 -4.39 -3.72
CA THR A 141 -19.71 -3.86 -5.07
C THR A 141 -20.72 -4.41 -6.07
N TYR A 142 -21.48 -5.43 -5.66
CA TYR A 142 -22.52 -6.02 -6.50
C TYR A 142 -23.84 -5.29 -6.28
N SER A 143 -23.90 -4.46 -5.25
CA SER A 143 -25.12 -3.75 -4.90
C SER A 143 -25.52 -2.74 -5.98
N PRO A 144 -26.83 -2.56 -6.19
CA PRO A 144 -27.31 -1.53 -7.11
C PRO A 144 -26.94 -0.12 -6.61
N LYS A 145 -26.62 0.01 -5.33
CA LYS A 145 -26.19 1.29 -4.78
C LYS A 145 -24.71 1.54 -5.00
N PHE A 146 -24.00 0.57 -5.56
CA PHE A 146 -22.60 0.77 -5.89
C PHE A 146 -22.47 1.41 -7.26
N THR A 147 -22.43 2.74 -7.30
CA THR A 147 -22.39 3.43 -8.59
C THR A 147 -21.27 4.47 -8.66
N PRO A 148 -20.00 4.01 -8.55
CA PRO A 148 -18.90 4.98 -8.51
C PRO A 148 -18.77 5.82 -9.78
N LYS A 149 -19.15 5.25 -10.93
CA LYS A 149 -19.07 5.97 -12.20
C LYS A 149 -20.12 7.09 -12.26
N LEU A 150 -21.12 7.01 -11.38
CA LEU A 150 -22.10 8.08 -11.23
C LEU A 150 -21.69 9.02 -10.10
N GLY A 151 -20.59 8.70 -9.42
CA GLY A 151 -20.06 9.59 -8.42
C GLY A 151 -20.45 9.30 -6.98
N ASN A 152 -21.09 8.16 -6.73
CA ASN A 152 -21.40 7.83 -5.35
C ASN A 152 -21.56 6.34 -5.09
N ILE A 153 -21.25 5.94 -3.86
CA ILE A 153 -21.37 4.55 -3.45
C ILE A 153 -22.05 4.45 -2.10
N GLN A 154 -22.21 3.22 -1.61
CA GLN A 154 -22.85 2.99 -0.33
C GLN A 154 -21.98 2.06 0.50
N PHE A 155 -21.78 2.39 1.77
CA PHE A 155 -21.08 1.46 2.64
C PHE A 155 -21.93 1.21 3.87
N SER A 156 -21.69 0.08 4.52
CA SER A 156 -22.42 -0.25 5.72
C SER A 156 -21.46 -0.36 6.89
N THR A 157 -21.95 -0.10 8.09
CA THR A 157 -21.14 -0.20 9.28
C THR A 157 -21.84 -1.04 10.33
N TRP A 158 -21.08 -1.58 11.27
CA TRP A 158 -21.66 -2.18 12.47
C TRP A 158 -22.09 -1.04 13.38
N GLU A 159 -21.26 0.00 13.43
CA GLU A 159 -21.57 1.21 14.18
C GLU A 159 -22.88 1.81 13.68
N THR A 160 -23.74 2.21 14.61
CA THR A 160 -25.10 2.60 14.27
C THR A 160 -25.32 4.11 14.06
N GLN A 161 -24.45 4.94 14.61
CA GLN A 161 -24.70 6.38 14.57
C GLN A 161 -23.49 7.27 14.25
N ASP A 162 -22.30 6.87 14.68
CA ASP A 162 -21.15 7.78 14.69
C ASP A 162 -20.47 7.94 13.32
N VAL A 163 -21.24 8.32 12.31
CA VAL A 163 -20.69 8.67 11.01
C VAL A 163 -21.23 10.04 10.62
N SER A 164 -20.34 10.99 10.33
CA SER A 164 -20.76 12.36 10.09
C SER A 164 -21.00 12.65 8.62
N SER A 165 -22.03 13.43 8.32
CA SER A 165 -22.33 13.87 6.96
C SER A 165 -21.57 15.14 6.62
N GLY A 166 -21.20 15.30 5.37
CA GLY A 166 -20.57 16.51 4.90
C GLY A 166 -19.11 16.66 5.29
N GLN A 167 -18.47 15.58 5.71
CA GLN A 167 -17.07 15.63 6.15
C GLN A 167 -16.18 14.74 5.29
N PRO A 168 -14.91 15.12 5.13
CA PRO A 168 -13.93 14.30 4.38
C PRO A 168 -13.90 12.86 4.89
N THR A 169 -14.10 11.92 3.97
CA THR A 169 -14.24 10.52 4.34
C THR A 169 -13.28 9.69 3.53
N LYS A 170 -12.61 8.75 4.18
CA LYS A 170 -11.65 7.87 3.53
C LYS A 170 -11.96 6.40 3.78
N PHE A 171 -11.89 5.59 2.73
CA PHE A 171 -12.01 4.14 2.90
C PHE A 171 -10.66 3.48 2.70
N THR A 172 -10.18 2.83 3.76
CA THR A 172 -8.97 2.03 3.70
C THR A 172 -9.35 0.56 3.58
N PRO A 173 -9.04 -0.06 2.44
CA PRO A 173 -9.42 -1.47 2.30
C PRO A 173 -8.54 -2.39 3.14
N VAL A 174 -9.13 -3.46 3.67
CA VAL A 174 -8.39 -4.43 4.48
C VAL A 174 -8.56 -5.85 3.94
N GLY A 175 -9.78 -6.19 3.51
CA GLY A 175 -10.05 -7.49 2.95
C GLY A 175 -11.50 -7.69 2.54
N LEU A 176 -12.01 -8.92 2.75
CA LEU A 176 -13.40 -9.24 2.45
C LEU A 176 -14.18 -9.46 3.73
N ALA A 177 -15.47 -9.13 3.70
CA ALA A 177 -16.34 -9.34 4.85
C ALA A 177 -16.71 -10.82 4.99
N SER A 178 -16.94 -11.46 3.85
CA SER A 178 -17.40 -12.85 3.81
C SER A 178 -17.21 -13.42 2.42
N VAL A 179 -17.22 -14.74 2.29
CA VAL A 179 -17.24 -15.37 0.98
C VAL A 179 -18.35 -16.42 0.87
N ASP A 180 -19.37 -16.33 1.72
CA ASP A 180 -20.51 -17.24 1.58
C ASP A 180 -21.37 -16.84 0.38
N ALA A 181 -22.39 -17.63 0.09
CA ALA A 181 -23.21 -17.46 -1.11
C ALA A 181 -23.83 -16.07 -1.21
N ASN A 182 -24.30 -15.55 -0.08
CA ASN A 182 -24.91 -14.22 -0.03
C ASN A 182 -23.93 -13.09 -0.32
N SER A 183 -22.63 -13.35 -0.12
CA SER A 183 -21.62 -12.31 -0.24
C SER A 183 -21.18 -12.07 -1.69
N HIS A 184 -21.55 -12.98 -2.59
CA HIS A 184 -21.31 -12.82 -4.03
C HIS A 184 -19.87 -12.47 -4.39
N PHE A 185 -18.92 -13.20 -3.84
CA PHE A 185 -17.53 -12.96 -4.18
C PHE A 185 -17.14 -13.69 -5.46
N ASP A 186 -16.83 -12.91 -6.50
CA ASP A 186 -16.30 -13.45 -7.75
C ASP A 186 -15.28 -12.46 -8.30
N GLN A 187 -14.00 -12.82 -8.24
CA GLN A 187 -12.92 -11.91 -8.59
C GLN A 187 -12.89 -11.58 -10.08
N TRP A 188 -13.63 -12.33 -10.89
CA TRP A 188 -13.65 -12.10 -12.34
C TRP A 188 -14.98 -11.49 -12.79
N THR A 189 -15.89 -11.24 -11.85
CA THR A 189 -17.13 -10.55 -12.19
C THR A 189 -16.98 -9.05 -11.88
N LEU A 190 -16.98 -8.23 -12.94
CA LEU A 190 -16.89 -6.78 -12.77
C LEU A 190 -18.12 -6.20 -12.08
N PRO A 191 -17.93 -5.16 -11.25
CA PRO A 191 -19.11 -4.43 -10.77
C PRO A 191 -19.82 -3.75 -11.94
N SER A 192 -21.08 -3.37 -11.75
CA SER A 192 -21.74 -2.45 -12.66
C SER A 192 -21.44 -1.04 -12.15
N TYR A 193 -20.41 -0.41 -12.72
CA TYR A 193 -19.90 0.86 -12.20
C TYR A 193 -20.94 1.98 -12.16
N SER A 194 -21.92 1.93 -13.07
CA SER A 194 -23.00 2.91 -13.10
C SER A 194 -24.31 2.34 -12.57
N GLY A 195 -24.25 1.15 -11.98
CA GLY A 195 -25.44 0.56 -11.40
C GLY A 195 -26.30 -0.20 -12.39
N ALA A 196 -27.53 -0.51 -12.00
CA ALA A 196 -28.42 -1.34 -12.82
C ALA A 196 -28.85 -0.60 -14.08
N LEU A 197 -29.05 -1.37 -15.15
CA LEU A 197 -29.55 -0.85 -16.42
C LEU A 197 -28.64 0.20 -17.05
N THR A 198 -27.35 0.14 -16.73
CA THR A 198 -26.35 0.96 -17.41
C THR A 198 -25.07 0.15 -17.55
N LEU A 199 -24.56 0.08 -18.77
CA LEU A 199 -23.44 -0.79 -19.12
C LEU A 199 -22.09 -0.15 -18.81
N ASN A 200 -21.09 -1.00 -18.51
CA ASN A 200 -19.74 -0.50 -18.25
C ASN A 200 -19.10 0.06 -19.52
N MET A 201 -18.24 1.06 -19.35
CA MET A 201 -17.58 1.70 -20.50
C MET A 201 -16.08 1.89 -20.28
N ASN A 202 -15.36 2.08 -21.37
CA ASN A 202 -13.92 2.38 -21.33
C ASN A 202 -13.09 1.31 -20.65
N LEU A 203 -13.55 0.05 -20.76
CA LEU A 203 -12.88 -1.05 -20.08
C LEU A 203 -11.55 -1.41 -20.72
N ALA A 204 -10.56 -1.75 -19.89
CA ALA A 204 -9.41 -2.49 -20.39
C ALA A 204 -9.90 -3.78 -21.02
N PRO A 205 -9.26 -4.23 -22.12
CA PRO A 205 -9.77 -5.41 -22.83
C PRO A 205 -9.60 -6.71 -22.04
N SER A 206 -10.39 -7.71 -22.40
CA SER A 206 -10.27 -9.04 -21.82
C SER A 206 -8.93 -9.66 -22.24
N VAL A 207 -8.41 -10.58 -21.45
CA VAL A 207 -7.15 -11.23 -21.81
C VAL A 207 -7.33 -12.76 -21.84
N ALA A 208 -6.63 -13.40 -22.77
CA ALA A 208 -6.73 -14.84 -22.96
C ALA A 208 -5.51 -15.34 -23.70
N PRO A 209 -5.10 -16.58 -23.42
CA PRO A 209 -4.01 -17.13 -24.23
C PRO A 209 -4.51 -17.43 -25.64
N VAL A 210 -3.85 -16.89 -26.65
CA VAL A 210 -4.19 -17.18 -28.04
C VAL A 210 -3.64 -18.55 -28.48
N PHE A 211 -2.44 -18.85 -27.99
CA PHE A 211 -1.69 -20.05 -28.35
CA PHE A 211 -1.69 -20.05 -28.35
C PHE A 211 -2.26 -21.31 -27.69
N PRO A 212 -2.29 -22.43 -28.42
CA PRO A 212 -2.75 -23.68 -27.80
C PRO A 212 -1.69 -24.29 -26.87
N GLY A 213 -2.14 -24.87 -25.77
CA GLY A 213 -1.24 -25.37 -24.74
C GLY A 213 -0.72 -24.28 -23.82
N GLU A 214 -1.28 -23.08 -23.93
CA GLU A 214 -0.89 -22.00 -23.03
C GLU A 214 -2.03 -21.60 -22.13
N CYS A 215 -1.69 -21.15 -20.92
CA CYS A 215 -2.67 -20.65 -19.99
C CYS A 215 -2.16 -19.36 -19.37
N LEU A 216 -3.08 -18.57 -18.84
CA LEU A 216 -2.72 -17.36 -18.11
C LEU A 216 -1.92 -17.69 -16.86
N LEU A 217 -0.88 -16.90 -16.61
CA LEU A 217 -0.11 -16.98 -15.38
C LEU A 217 -0.44 -15.78 -14.51
N PHE A 218 -0.86 -16.02 -13.27
CA PHE A 218 -1.26 -14.93 -12.38
C PHE A 218 -0.30 -14.74 -11.22
N PHE A 219 -0.27 -13.52 -10.69
CA PHE A 219 0.36 -13.23 -9.41
C PHE A 219 -0.75 -13.27 -8.35
N ARG A 220 -0.70 -14.27 -7.47
CA ARG A 220 -1.79 -14.50 -6.52
C ARG A 220 -1.50 -13.97 -5.12
N SER A 221 -2.49 -13.32 -4.53
CA SER A 221 -2.43 -12.91 -3.13
C SER A 221 -3.63 -13.46 -2.39
N PHE A 222 -3.41 -13.89 -1.16
CA PHE A 222 -4.54 -14.32 -0.34
C PHE A 222 -5.06 -13.13 0.46
N ILE A 223 -6.38 -12.95 0.42
CA ILE A 223 -7.00 -11.75 0.98
C ILE A 223 -7.67 -12.06 2.32
N PRO A 224 -7.45 -11.19 3.33
CA PRO A 224 -8.04 -11.42 4.65
C PRO A 224 -9.57 -11.46 4.64
N LEU A 225 -10.13 -12.13 5.64
CA LEU A 225 -11.57 -12.27 5.82
C LEU A 225 -11.98 -11.78 7.19
N LYS A 226 -13.04 -10.97 7.25
CA LYS A 226 -13.56 -10.48 8.52
C LYS A 226 -14.07 -11.64 9.37
N GLY A 227 -14.73 -12.60 8.73
CA GLY A 227 -15.25 -13.76 9.43
C GLY A 227 -15.64 -14.89 8.48
N GLY A 228 -16.06 -16.01 9.06
CA GLY A 228 -16.53 -17.14 8.28
C GLY A 228 -15.42 -18.02 7.76
N TYR A 229 -15.80 -19.01 6.96
CA TYR A 229 -14.83 -19.98 6.44
C TYR A 229 -14.44 -19.58 5.03
N GLY A 230 -13.18 -19.86 4.68
CA GLY A 230 -12.72 -19.59 3.33
C GLY A 230 -11.25 -19.26 3.25
N ASN A 231 -10.71 -19.38 2.05
CA ASN A 231 -9.35 -18.99 1.76
C ASN A 231 -9.34 -18.18 0.46
N PRO A 232 -10.08 -17.05 0.44
CA PRO A 232 -10.19 -16.30 -0.81
C PRO A 232 -8.85 -15.73 -1.29
N ALA A 233 -8.72 -15.61 -2.60
CA ALA A 233 -7.50 -15.10 -3.21
C ALA A 233 -7.86 -14.10 -4.29
N ILE A 234 -6.92 -13.20 -4.58
CA ILE A 234 -7.05 -12.24 -5.65
C ILE A 234 -5.89 -12.41 -6.61
N ASP A 235 -6.19 -12.66 -7.88
CA ASP A 235 -5.17 -12.84 -8.90
C ASP A 235 -5.01 -11.61 -9.79
N CYS A 236 -3.78 -11.12 -9.94
CA CYS A 236 -3.55 -10.00 -10.84
C CYS A 236 -2.65 -10.40 -12.00
N LEU A 237 -2.80 -9.71 -13.12
CA LEU A 237 -2.02 -9.98 -14.33
C LEU A 237 -0.55 -9.57 -14.20
N MET A 238 -0.32 -8.44 -13.53
CA MET A 238 1.02 -7.94 -13.27
C MET A 238 1.01 -7.26 -11.89
N PRO A 239 2.09 -7.39 -11.13
CA PRO A 239 2.18 -6.73 -9.83
C PRO A 239 2.21 -5.21 -9.99
N GLN A 240 1.90 -4.49 -8.92
CA GLN A 240 1.81 -3.03 -9.00
C GLN A 240 3.17 -2.43 -9.40
N GLU A 241 4.26 -3.05 -8.95
CA GLU A 241 5.60 -2.57 -9.28
C GLU A 241 5.91 -2.65 -10.78
N TRP A 242 5.34 -3.63 -11.48
CA TRP A 242 5.51 -3.71 -12.92
C TRP A 242 4.75 -2.58 -13.60
N VAL A 243 3.51 -2.38 -13.16
CA VAL A 243 2.70 -1.27 -13.64
C VAL A 243 3.47 0.02 -13.48
N GLN A 244 4.05 0.23 -12.31
CA GLN A 244 4.80 1.45 -12.00
C GLN A 244 6.05 1.55 -12.87
N HIS A 245 6.73 0.43 -13.06
CA HIS A 245 7.95 0.39 -13.85
C HIS A 245 7.67 0.65 -15.33
N LEU A 246 6.67 -0.03 -15.89
CA LEU A 246 6.33 0.13 -17.30
C LEU A 246 5.92 1.57 -17.58
N TYR A 247 5.21 2.17 -16.64
CA TYR A 247 4.79 3.55 -16.79
C TYR A 247 6.01 4.46 -16.85
N GLN A 248 6.98 4.24 -15.96
CA GLN A 248 8.19 5.09 -15.93
C GLN A 248 9.00 4.94 -17.21
N GLU A 249 9.18 3.70 -17.66
CA GLU A 249 10.09 3.44 -18.78
C GLU A 249 9.52 3.84 -20.12
N SER A 250 8.26 3.50 -20.37
CA SER A 250 7.62 3.80 -21.65
C SER A 250 8.43 3.29 -22.83
N ALA A 251 9.03 2.12 -22.65
CA ALA A 251 9.84 1.51 -23.69
C ALA A 251 8.96 1.01 -24.81
N PRO A 252 9.30 1.33 -26.07
CA PRO A 252 8.51 0.87 -27.22
C PRO A 252 8.48 -0.66 -27.30
N SER A 253 7.32 -1.22 -27.62
CA SER A 253 7.17 -2.65 -27.80
C SER A 253 7.59 -3.05 -29.21
N LEU A 254 8.62 -3.88 -29.32
CA LEU A 254 9.17 -4.21 -30.64
C LEU A 254 8.49 -5.42 -31.30
N SER A 255 7.60 -6.08 -30.57
CA SER A 255 6.77 -7.13 -31.12
C SER A 255 5.57 -7.27 -30.19
N ASP A 256 4.68 -8.19 -30.50
CA ASP A 256 3.47 -8.37 -29.70
C ASP A 256 3.72 -9.20 -28.43
N VAL A 257 4.89 -9.83 -28.36
CA VAL A 257 5.20 -10.71 -27.23
C VAL A 257 6.65 -10.62 -26.80
N ALA A 258 6.88 -10.43 -25.50
CA ALA A 258 8.22 -10.46 -24.94
C ALA A 258 8.49 -11.79 -24.24
N LEU A 259 9.61 -12.43 -24.59
CA LEU A 259 10.00 -13.67 -23.91
C LEU A 259 10.67 -13.32 -22.60
N VAL A 260 10.14 -13.83 -21.49
CA VAL A 260 10.74 -13.60 -20.19
C VAL A 260 11.07 -14.91 -19.51
N ARG A 261 12.14 -14.91 -18.72
CA ARG A 261 12.52 -16.09 -17.99
C ARG A 261 12.47 -15.83 -16.49
N TYR A 262 11.87 -16.77 -15.75
CA TYR A 262 11.88 -16.71 -14.31
C TYR A 262 13.20 -17.31 -13.85
N VAL A 263 14.00 -16.48 -13.20
CA VAL A 263 15.41 -16.79 -13.02
C VAL A 263 15.84 -16.75 -11.54
N ASN A 264 16.77 -17.61 -11.16
CA ASN A 264 17.39 -17.49 -9.84
C ASN A 264 18.26 -16.24 -9.80
N PRO A 265 18.04 -15.38 -8.80
CA PRO A 265 18.64 -14.05 -8.75
C PRO A 265 20.16 -14.05 -8.70
N GLU A 266 20.74 -15.11 -8.17
CA GLU A 266 22.17 -15.12 -7.94
C GLU A 266 22.95 -15.90 -9.00
N THR A 267 22.50 -17.11 -9.31
CA THR A 267 23.16 -17.90 -10.35
C THR A 267 22.84 -17.37 -11.75
N GLY A 268 21.58 -16.97 -11.96
CA GLY A 268 21.14 -16.54 -13.26
C GLY A 268 20.49 -17.66 -14.05
N ARG A 269 20.36 -18.82 -13.40
CA ARG A 269 19.79 -20.00 -14.04
C ARG A 269 18.28 -19.86 -14.26
N THR A 270 17.82 -20.27 -15.43
CA THR A 270 16.40 -20.20 -15.77
C THR A 270 15.62 -21.31 -15.09
N LEU A 271 14.53 -20.96 -14.41
CA LEU A 271 13.68 -21.94 -13.76
C LEU A 271 12.51 -22.34 -14.66
N PHE A 272 11.88 -21.34 -15.28
CA PHE A 272 10.90 -21.59 -16.34
C PHE A 272 10.78 -20.33 -17.18
N GLU A 273 10.04 -20.42 -18.28
CA GLU A 273 9.87 -19.27 -19.15
C GLU A 273 8.40 -18.96 -19.38
N ALA A 274 8.13 -17.74 -19.81
CA ALA A 274 6.77 -17.26 -20.01
C ALA A 274 6.70 -16.24 -21.14
N LYS A 275 5.51 -16.04 -21.66
CA LYS A 275 5.27 -14.99 -22.64
C LYS A 275 4.65 -13.77 -21.95
N LEU A 276 5.27 -12.61 -22.14
CA LEU A 276 4.71 -11.36 -21.63
C LEU A 276 4.10 -10.60 -22.80
N HIS A 277 2.78 -10.56 -22.84
CA HIS A 277 2.06 -10.01 -23.98
C HIS A 277 1.93 -8.49 -23.93
N ARG A 278 1.74 -7.89 -25.11
CA ARG A 278 1.72 -6.45 -25.29
C ARG A 278 0.76 -5.73 -24.35
N ASN A 279 -0.43 -6.30 -24.18
CA ASN A 279 -1.45 -5.69 -23.35
C ASN A 279 -1.20 -5.84 -21.83
N GLY A 280 -0.09 -6.46 -21.46
CA GLY A 280 0.30 -6.57 -20.06
C GLY A 280 -0.24 -7.78 -19.32
N PHE A 281 0.09 -8.97 -19.80
CA PHE A 281 -0.24 -10.20 -19.07
C PHE A 281 0.70 -11.33 -19.50
N LEU A 282 0.78 -12.36 -18.67
CA LEU A 282 1.69 -13.46 -18.89
C LEU A 282 0.93 -14.73 -19.26
N THR A 283 1.51 -15.54 -20.14
CA THR A 283 1.05 -16.91 -20.33
C THR A 283 2.22 -17.88 -20.21
N VAL A 284 1.92 -19.12 -19.82
CA VAL A 284 2.91 -20.19 -19.76
C VAL A 284 2.36 -21.46 -20.40
N ALA A 285 3.23 -22.39 -20.76
CA ALA A 285 2.79 -23.71 -21.20
C ALA A 285 2.66 -24.61 -20.00
N ARG A 286 1.46 -24.67 -19.44
CA ARG A 286 1.20 -25.48 -18.26
C ARG A 286 -0.17 -26.09 -18.37
N ASN A 287 -0.26 -27.40 -18.14
CA ASN A 287 -1.54 -28.10 -18.14
C ASN A 287 -2.19 -28.05 -16.77
N SER A 288 -1.37 -27.86 -15.74
CA SER A 288 -1.81 -27.96 -14.36
C SER A 288 -2.43 -26.66 -13.82
N ALA A 289 -3.28 -26.83 -12.81
CA ALA A 289 -3.90 -25.71 -12.14
C ALA A 289 -3.36 -25.64 -10.72
N GLY A 290 -3.51 -24.49 -10.08
CA GLY A 290 -3.06 -24.29 -8.72
C GLY A 290 -1.78 -23.47 -8.62
N PRO A 291 -1.24 -23.36 -7.42
CA PRO A 291 0.00 -22.60 -7.19
C PRO A 291 1.16 -23.18 -7.98
N VAL A 292 2.05 -22.31 -8.42
CA VAL A 292 3.23 -22.74 -9.15
C VAL A 292 4.32 -23.05 -8.15
N VAL A 293 4.89 -24.24 -8.24
CA VAL A 293 5.97 -24.62 -7.34
C VAL A 293 7.26 -24.01 -7.87
N ALA A 294 7.66 -22.90 -7.26
CA ALA A 294 8.85 -22.18 -7.66
C ALA A 294 9.35 -21.39 -6.47
N PRO A 295 10.67 -21.18 -6.36
CA PRO A 295 11.17 -20.43 -5.21
C PRO A 295 10.69 -18.99 -5.28
N THR A 296 10.29 -18.42 -4.15
CA THR A 296 9.93 -17.02 -4.12
C THR A 296 11.17 -16.18 -4.39
N ASN A 297 12.33 -16.75 -4.12
CA ASN A 297 13.60 -16.09 -4.42
C ASN A 297 13.96 -16.28 -5.89
N GLY A 298 13.20 -15.60 -6.76
CA GLY A 298 13.45 -15.61 -8.18
C GLY A 298 12.68 -14.47 -8.78
N TYR A 299 13.02 -14.06 -10.00
CA TYR A 299 12.30 -12.98 -10.65
C TYR A 299 12.28 -13.13 -12.17
N PHE A 300 11.33 -12.47 -12.81
CA PHE A 300 11.26 -12.46 -14.26
C PHE A 300 12.28 -11.49 -14.85
N ARG A 301 13.00 -11.98 -15.85
CA ARG A 301 14.01 -11.21 -16.54
C ARG A 301 13.66 -11.18 -18.02
N PHE A 302 13.63 -10.00 -18.62
CA PHE A 302 13.35 -9.89 -20.04
C PHE A 302 14.48 -10.50 -20.87
N ASP A 303 14.12 -11.36 -21.81
N ASP A 303 14.13 -11.36 -21.80
CA ASP A 303 15.10 -12.02 -22.65
CA ASP A 303 15.11 -12.01 -22.66
C ASP A 303 15.15 -11.42 -24.05
C ASP A 303 15.15 -11.38 -24.04
N SER A 304 14.01 -11.42 -24.73
CA SER A 304 13.93 -10.90 -26.10
C SER A 304 12.48 -10.77 -26.58
N TRP A 305 12.30 -9.96 -27.62
CA TRP A 305 11.02 -9.89 -28.32
C TRP A 305 10.90 -11.06 -29.29
N VAL A 306 9.75 -11.72 -29.30
CA VAL A 306 9.54 -12.85 -30.20
C VAL A 306 8.27 -12.67 -31.03
N ASN A 307 8.09 -13.52 -32.04
CA ASN A 307 6.91 -13.43 -32.88
C ASN A 307 5.77 -14.30 -32.35
N GLN A 308 4.70 -14.40 -33.13
CA GLN A 308 3.49 -15.10 -32.70
C GLN A 308 3.67 -16.62 -32.63
N PHE A 309 4.74 -17.13 -33.22
CA PHE A 309 4.90 -18.58 -33.36
C PHE A 309 5.92 -19.18 -32.41
N TYR A 310 6.44 -18.36 -31.49
CA TYR A 310 7.42 -18.86 -30.53
C TYR A 310 6.74 -19.82 -29.55
N THR A 311 7.35 -20.98 -29.33
CA THR A 311 6.76 -21.99 -28.46
C THR A 311 7.50 -22.04 -27.12
N LEU A 312 6.73 -21.96 -26.04
CA LEU A 312 7.30 -22.04 -24.69
C LEU A 312 7.61 -23.46 -24.27
N ALA A 313 8.71 -23.62 -23.54
CA ALA A 313 9.01 -24.88 -22.87
C ALA A 313 7.96 -25.15 -21.80
N PRO A 314 7.47 -26.40 -21.73
CA PRO A 314 6.51 -26.78 -20.69
C PRO A 314 7.09 -26.51 -19.30
N MET A 315 6.23 -26.23 -18.34
CA MET A 315 6.68 -26.03 -16.96
C MET A 315 5.86 -26.88 -15.99
N SER B 1 29.83 5.11 -15.61
CA SER B 1 29.04 5.36 -14.40
C SER B 1 27.57 5.57 -14.74
N LYS B 2 26.72 4.72 -14.19
CA LYS B 2 25.27 4.80 -14.38
C LYS B 2 24.69 6.12 -13.88
N PRO B 3 24.08 6.90 -14.78
CA PRO B 3 23.56 8.23 -14.41
C PRO B 3 22.48 8.16 -13.35
N PHE B 4 22.61 9.00 -12.32
CA PHE B 4 21.61 9.08 -11.26
C PHE B 4 20.32 9.69 -11.81
N THR B 5 19.19 9.09 -11.44
CA THR B 5 17.90 9.61 -11.87
C THR B 5 16.88 9.52 -10.73
N LEU B 6 15.81 10.28 -10.87
CA LEU B 6 14.64 10.17 -10.00
C LEU B 6 13.45 9.78 -10.85
N PRO B 7 12.45 9.11 -10.24
CA PRO B 7 11.27 8.74 -11.04
C PRO B 7 10.46 9.97 -11.41
N ILE B 8 9.73 9.89 -12.52
CA ILE B 8 8.86 10.99 -12.92
C ILE B 8 7.48 10.79 -12.32
N LEU B 9 7.31 11.30 -11.11
CA LEU B 9 6.05 11.17 -10.37
C LEU B 9 5.72 12.49 -9.71
N THR B 10 4.53 13.02 -10.00
CA THR B 10 4.07 14.23 -9.33
C THR B 10 3.70 13.93 -7.88
N LEU B 11 3.45 14.97 -7.10
CA LEU B 11 3.26 14.78 -5.67
C LEU B 11 2.07 13.88 -5.37
N GLY B 12 1.02 13.99 -6.19
CA GLY B 12 -0.14 13.15 -6.03
C GLY B 12 0.04 11.73 -6.53
N GLU B 13 1.25 11.42 -7.01
CA GLU B 13 1.57 10.04 -7.44
C GLU B 13 2.63 9.42 -6.52
N LEU B 14 2.76 9.95 -5.31
CA LEU B 14 3.76 9.44 -4.36
C LEU B 14 3.13 8.91 -3.07
N THR B 15 3.81 7.96 -2.44
N THR B 15 3.76 7.92 -2.46
CA THR B 15 3.33 7.29 -1.23
CA THR B 15 3.27 7.38 -1.20
C THR B 15 4.32 7.53 -0.08
C THR B 15 4.30 7.56 -0.09
N ASN B 16 3.81 7.71 1.14
CA ASN B 16 4.68 7.89 2.29
C ASN B 16 5.45 6.62 2.58
N SER B 17 6.72 6.77 2.98
CA SER B 17 7.55 5.60 3.23
C SER B 17 7.55 5.17 4.69
N ARG B 18 6.85 5.92 5.54
CA ARG B 18 6.82 5.62 6.98
C ARG B 18 5.44 5.19 7.45
N PHE B 19 4.44 5.37 6.59
CA PHE B 19 3.08 4.90 6.83
C PHE B 19 2.37 4.78 5.48
N PRO B 20 1.53 3.74 5.29
CA PRO B 20 0.85 3.54 4.00
C PRO B 20 -0.17 4.64 3.68
N LEU B 21 0.32 5.78 3.22
CA LEU B 21 -0.50 6.94 2.93
C LEU B 21 0.01 7.64 1.68
N PRO B 22 -0.88 8.30 0.94
CA PRO B 22 -0.39 9.12 -0.17
C PRO B 22 0.33 10.35 0.39
N ILE B 23 1.29 10.90 -0.36
CA ILE B 23 1.89 12.16 0.03
C ILE B 23 0.87 13.28 -0.18
N ASP B 24 0.65 14.10 0.83
CA ASP B 24 -0.31 15.21 0.75
C ASP B 24 0.36 16.54 0.42
N VAL B 25 1.43 16.88 1.15
CA VAL B 25 2.12 18.14 0.93
C VAL B 25 3.61 17.99 1.20
N LEU B 26 4.40 18.89 0.63
CA LEU B 26 5.78 19.09 1.08
C LEU B 26 5.74 19.98 2.32
N TYR B 27 6.71 19.79 3.22
CA TYR B 27 6.63 20.44 4.52
C TYR B 27 8.02 20.73 5.10
N THR B 28 8.15 21.85 5.80
CA THR B 28 9.38 22.15 6.53
C THR B 28 9.07 22.55 7.97
N ASN B 29 10.05 22.34 8.85
CA ASN B 29 9.95 22.82 10.23
C ASN B 29 11.33 23.11 10.81
N PRO B 30 11.92 24.25 10.42
CA PRO B 30 13.28 24.63 10.79
C PRO B 30 13.55 24.61 12.30
N ASN B 31 12.53 24.86 13.10
CA ASN B 31 12.71 24.98 14.55
C ASN B 31 12.49 23.68 15.33
N GLU B 32 12.42 22.56 14.62
CA GLU B 32 12.31 21.25 15.26
C GLU B 32 13.50 21.01 16.18
N SER B 33 13.24 20.73 17.46
CA SER B 33 14.32 20.48 18.40
C SER B 33 14.71 18.99 18.44
N ALA B 34 13.81 18.13 17.99
CA ALA B 34 14.05 16.69 18.06
C ALA B 34 15.11 16.24 17.06
N ILE B 35 15.80 15.16 17.40
CA ILE B 35 16.70 14.52 16.46
C ILE B 35 15.88 13.74 15.46
N VAL B 36 16.10 14.02 14.18
CA VAL B 36 15.40 13.34 13.09
C VAL B 36 16.15 12.08 12.71
N GLN B 37 15.60 10.93 13.11
CA GLN B 37 16.28 9.66 12.87
C GLN B 37 15.31 8.52 12.60
N CYS B 38 14.41 8.73 11.64
CA CYS B 38 13.43 7.72 11.29
C CYS B 38 14.13 6.52 10.64
N GLN B 39 13.51 5.35 10.74
CA GLN B 39 14.16 4.11 10.30
C GLN B 39 13.50 3.51 9.06
N ASN B 40 12.25 3.88 8.82
CA ASN B 40 11.59 3.53 7.56
C ASN B 40 11.79 4.66 6.56
N GLY B 41 11.73 4.34 5.27
CA GLY B 41 12.00 5.31 4.23
C GLY B 41 13.44 5.79 4.21
N ARG B 42 14.35 4.88 4.57
CA ARG B 42 15.77 5.20 4.58
C ARG B 42 16.51 4.42 3.50
N CYS B 43 17.11 5.16 2.59
CA CYS B 43 17.84 4.57 1.48
C CYS B 43 18.87 5.57 1.00
N THR B 44 20.12 5.12 0.85
CA THR B 44 21.15 6.00 0.30
C THR B 44 20.85 6.23 -1.18
N LEU B 45 21.46 7.26 -1.75
CA LEU B 45 21.24 7.57 -3.15
C LEU B 45 21.75 6.49 -4.08
N ASP B 46 22.71 5.68 -3.63
CA ASP B 46 23.23 4.62 -4.47
C ASP B 46 22.51 3.29 -4.23
N GLY B 47 21.41 3.32 -3.50
CA GLY B 47 20.52 2.18 -3.41
C GLY B 47 20.65 1.25 -2.22
N GLU B 48 21.28 1.71 -1.15
CA GLU B 48 21.42 0.88 0.05
C GLU B 48 20.30 1.16 1.04
N LEU B 49 19.45 0.17 1.27
CA LEU B 49 18.40 0.31 2.26
C LEU B 49 19.01 0.31 3.65
N GLN B 50 18.45 1.12 4.55
CA GLN B 50 18.95 1.21 5.92
C GLN B 50 17.81 1.14 6.92
N GLY B 51 18.16 1.06 8.20
CA GLY B 51 17.16 0.98 9.25
C GLY B 51 16.27 -0.23 9.12
N THR B 52 14.96 0.01 9.13
CA THR B 52 13.99 -1.05 9.01
C THR B 52 13.33 -1.02 7.63
N THR B 53 13.96 -0.31 6.70
CA THR B 53 13.33 -0.07 5.40
C THR B 53 13.28 -1.31 4.52
N GLN B 54 12.09 -1.60 4.00
CA GLN B 54 11.91 -2.65 3.01
C GLN B 54 11.10 -2.10 1.84
N LEU B 55 10.93 -2.89 0.79
CA LEU B 55 10.41 -2.41 -0.48
C LEU B 55 8.89 -2.34 -0.61
N LEU B 56 8.19 -3.21 0.11
CA LEU B 56 6.73 -3.31 -0.03
C LEU B 56 6.00 -2.17 0.66
N PRO B 57 5.11 -1.49 -0.07
CA PRO B 57 4.25 -0.47 0.54
C PRO B 57 3.30 -1.09 1.56
N THR B 58 2.91 -2.35 1.33
CA THR B 58 2.06 -3.09 2.26
C THR B 58 2.81 -3.55 3.51
N GLY B 59 4.14 -3.51 3.47
CA GLY B 59 4.96 -3.89 4.60
C GLY B 59 5.23 -2.78 5.62
N ILE B 60 4.92 -1.53 5.25
CA ILE B 60 5.22 -0.40 6.14
C ILE B 60 4.28 -0.36 7.35
N CYS B 61 4.87 -0.48 8.55
CA CYS B 61 4.12 -0.59 9.80
C CYS B 61 3.21 -1.81 9.83
N ALA B 62 3.55 -2.83 9.05
CA ALA B 62 2.80 -4.08 9.06
C ALA B 62 3.49 -5.11 9.94
N PHE B 63 2.71 -6.03 10.48
CA PHE B 63 3.27 -7.17 11.21
C PHE B 63 2.68 -8.47 10.71
N ARG B 64 3.50 -9.51 10.76
CA ARG B 64 3.06 -10.84 10.42
C ARG B 64 3.54 -11.79 11.51
N GLY B 65 2.73 -12.78 11.86
CA GLY B 65 3.14 -13.71 12.90
C GLY B 65 2.06 -14.58 13.48
N LYS B 66 2.12 -14.79 14.78
CA LYS B 66 1.23 -15.72 15.44
C LYS B 66 0.89 -15.22 16.84
N VAL B 67 -0.39 -15.24 17.19
CA VAL B 67 -0.81 -14.96 18.56
C VAL B 67 -0.49 -16.14 19.47
N THR B 68 0.18 -15.89 20.59
CA THR B 68 0.50 -16.94 21.53
C THR B 68 -0.60 -17.13 22.56
N GLN B 69 -1.09 -16.03 23.13
CA GLN B 69 -2.13 -16.08 24.15
C GLN B 69 -2.76 -14.73 24.43
N GLN B 70 -3.88 -14.73 25.13
CA GLN B 70 -4.40 -13.50 25.71
C GLN B 70 -3.53 -13.17 26.93
N VAL B 71 -3.32 -11.89 27.17
CA VAL B 71 -2.45 -11.44 28.26
C VAL B 71 -3.18 -10.41 29.11
N GLN B 72 -2.87 -10.36 30.39
CA GLN B 72 -3.47 -9.42 31.30
C GLN B 72 -3.21 -8.00 30.85
N ASP B 73 -4.16 -7.12 31.11
CA ASP B 73 -4.19 -5.84 30.43
C ASP B 73 -3.51 -4.73 31.23
N GLU B 74 -2.56 -4.06 30.60
CA GLU B 74 -1.86 -2.94 31.21
C GLU B 74 -2.67 -1.64 31.09
N HIS B 75 -3.51 -1.63 30.06
CA HIS B 75 -4.37 -0.51 29.74
C HIS B 75 -5.77 -1.05 29.53
N ARG B 76 -6.71 -0.17 29.21
CA ARG B 76 -8.08 -0.60 28.95
C ARG B 76 -8.10 -1.48 27.70
N GLY B 77 -9.06 -2.40 27.63
CA GLY B 77 -9.20 -3.27 26.49
C GLY B 77 -8.62 -4.65 26.74
N THR B 78 -8.77 -5.53 25.76
CA THR B 78 -8.24 -6.88 25.80
C THR B 78 -6.91 -6.97 25.07
N HIS B 79 -5.95 -7.64 25.69
CA HIS B 79 -4.58 -7.65 25.17
C HIS B 79 -4.09 -9.04 24.77
N TRP B 80 -3.27 -9.05 23.73
CA TRP B 80 -2.81 -10.29 23.12
C TRP B 80 -1.33 -10.16 22.79
N ASN B 81 -0.60 -11.22 23.06
CA ASN B 81 0.81 -11.28 22.69
C ASN B 81 0.97 -12.02 21.38
N MET B 82 1.70 -11.45 20.43
CA MET B 82 1.99 -12.18 19.20
C MET B 82 3.50 -12.20 18.94
N THR B 83 3.99 -13.37 18.54
CA THR B 83 5.35 -13.46 18.03
C THR B 83 5.30 -12.90 16.62
N VAL B 84 6.38 -12.29 16.18
CA VAL B 84 6.39 -11.76 14.83
C VAL B 84 7.43 -12.50 14.00
N THR B 85 7.06 -12.75 12.76
CA THR B 85 7.99 -13.30 11.79
C THR B 85 8.41 -12.17 10.89
N ASN B 86 9.35 -12.44 9.98
CA ASN B 86 9.65 -11.47 8.94
C ASN B 86 8.45 -11.37 8.01
N LEU B 87 8.31 -10.25 7.32
CA LEU B 87 7.18 -10.03 6.44
C LEU B 87 7.10 -11.05 5.31
N ASN B 88 8.24 -11.61 4.91
CA ASN B 88 8.24 -12.59 3.83
C ASN B 88 8.01 -14.01 4.34
N GLY B 89 7.69 -14.14 5.62
CA GLY B 89 7.33 -15.42 6.20
C GLY B 89 8.47 -16.18 6.85
N THR B 90 9.71 -15.74 6.60
CA THR B 90 10.88 -16.37 7.19
C THR B 90 10.92 -16.14 8.70
N PRO B 91 11.50 -17.08 9.44
CA PRO B 91 11.57 -16.96 10.90
C PRO B 91 12.31 -15.72 11.39
N PHE B 92 11.82 -15.16 12.49
CA PHE B 92 12.51 -14.10 13.20
C PHE B 92 13.93 -14.52 13.60
N ASP B 93 14.91 -13.70 13.24
CA ASP B 93 16.30 -13.99 13.58
C ASP B 93 16.91 -12.75 14.24
N PRO B 94 17.18 -12.83 15.55
CA PRO B 94 17.69 -11.72 16.35
C PRO B 94 19.10 -11.30 15.95
N THR B 95 19.81 -12.17 15.25
CA THR B 95 21.20 -11.94 14.89
C THR B 95 21.33 -11.06 13.64
N GLU B 96 20.21 -10.84 12.96
CA GLU B 96 20.17 -9.96 11.79
C GLU B 96 20.58 -8.53 12.17
N ASP B 97 21.46 -7.94 11.36
CA ASP B 97 21.97 -6.59 11.64
C ASP B 97 20.97 -5.49 11.31
N VAL B 98 19.82 -5.55 11.96
CA VAL B 98 18.75 -4.59 11.75
C VAL B 98 18.22 -4.18 13.11
N PRO B 99 17.61 -2.99 13.20
CA PRO B 99 17.05 -2.54 14.49
C PRO B 99 15.90 -3.43 14.95
N ALA B 100 15.17 -3.96 13.97
CA ALA B 100 13.94 -4.70 14.20
C ALA B 100 13.56 -5.37 12.90
N PRO B 101 12.55 -6.27 12.91
CA PRO B 101 12.11 -6.80 11.62
C PRO B 101 11.71 -5.68 10.67
N LEU B 102 12.06 -5.82 9.40
CA LEU B 102 11.82 -4.78 8.41
C LEU B 102 10.34 -4.44 8.36
N GLY B 103 10.05 -3.15 8.28
CA GLY B 103 8.67 -2.69 8.23
C GLY B 103 8.12 -2.27 9.59
N THR B 104 8.81 -2.65 10.65
CA THR B 104 8.43 -2.26 12.01
C THR B 104 8.28 -0.74 12.10
N PRO B 105 7.20 -0.26 12.75
CA PRO B 105 7.02 1.18 12.95
C PRO B 105 8.24 1.83 13.59
N ASP B 106 8.58 3.03 13.14
CA ASP B 106 9.76 3.73 13.65
C ASP B 106 9.39 4.98 14.45
N PHE B 107 8.21 5.02 15.04
CA PHE B 107 7.81 6.16 15.84
C PHE B 107 6.96 5.73 17.03
N SER B 108 6.93 6.59 18.05
CA SER B 108 6.15 6.33 19.24
C SER B 108 4.69 6.70 19.00
N GLY B 109 3.77 5.83 19.41
CA GLY B 109 2.36 6.16 19.32
C GLY B 109 1.46 4.95 19.45
N GLN B 110 0.15 5.19 19.42
CA GLN B 110 -0.79 4.08 19.39
C GLN B 110 -1.26 3.87 17.97
N ILE B 111 -0.70 2.85 17.33
CA ILE B 111 -1.02 2.59 15.92
C ILE B 111 -2.27 1.75 15.82
N TYR B 112 -3.24 2.29 15.10
CA TYR B 112 -4.54 1.67 14.94
C TYR B 112 -4.61 0.93 13.61
N GLY B 113 -5.20 -0.26 13.64
CA GLY B 113 -5.31 -1.06 12.44
C GLY B 113 -6.24 -2.24 12.63
N VAL B 114 -6.11 -3.23 11.75
CA VAL B 114 -6.92 -4.43 11.83
C VAL B 114 -6.05 -5.68 11.95
N ILE B 115 -6.32 -6.48 12.97
CA ILE B 115 -5.72 -7.79 13.12
C ILE B 115 -6.62 -8.80 12.43
N SER B 116 -6.07 -9.58 11.51
CA SER B 116 -6.84 -10.62 10.83
C SER B 116 -6.14 -11.96 10.95
N GLN B 117 -6.92 -13.02 11.05
CA GLN B 117 -6.38 -14.36 11.15
C GLN B 117 -7.04 -15.32 10.16
N ARG B 118 -6.22 -16.19 9.57
CA ARG B 118 -6.72 -17.34 8.83
C ARG B 118 -6.08 -18.60 9.40
N ASN B 119 -6.90 -19.51 9.91
CA ASN B 119 -6.37 -20.70 10.56
C ASN B 119 -5.68 -21.64 9.57
N THR B 120 -4.69 -22.38 10.08
CA THR B 120 -4.07 -23.44 9.29
C THR B 120 -5.02 -24.63 9.29
N ASN B 121 -5.00 -25.43 8.22
CA ASN B 121 -5.77 -26.65 8.20
C ASN B 121 -4.98 -27.75 7.50
N THR B 122 -4.53 -28.72 8.29
CA THR B 122 -3.68 -29.81 7.81
C THR B 122 -4.50 -30.92 7.13
N VAL B 123 -5.47 -30.52 6.32
CA VAL B 123 -6.34 -31.44 5.58
C VAL B 123 -7.13 -32.33 6.53
N GLY B 127 -15.07 -28.53 5.76
CA GLY B 127 -14.91 -28.81 4.34
C GLY B 127 -13.56 -28.37 3.82
N ASN B 128 -12.53 -28.56 4.64
CA ASN B 128 -11.15 -28.21 4.32
C ASN B 128 -10.94 -26.71 4.09
N LEU B 129 -11.87 -25.89 4.56
CA LEU B 129 -11.74 -24.44 4.49
C LEU B 129 -11.51 -23.83 5.87
N PRO B 130 -10.42 -23.08 6.02
CA PRO B 130 -10.00 -22.50 7.31
C PRO B 130 -10.99 -21.48 7.86
N ALA B 131 -11.06 -21.38 9.19
CA ALA B 131 -11.86 -20.37 9.85
C ALA B 131 -11.14 -19.02 9.85
N ASN B 132 -11.90 -17.92 9.84
CA ASN B 132 -11.31 -16.59 9.79
C ASN B 132 -11.89 -15.64 10.83
N ARG B 133 -11.11 -14.65 11.22
CA ARG B 133 -11.62 -13.56 12.03
C ARG B 133 -10.75 -12.32 11.84
N ALA B 134 -11.36 -11.14 11.97
CA ALA B 134 -10.63 -9.89 11.94
C ALA B 134 -11.24 -8.91 12.94
N HIS B 135 -10.39 -8.13 13.59
CA HIS B 135 -10.83 -7.15 14.57
C HIS B 135 -9.95 -5.92 14.55
N GLU B 136 -10.53 -4.78 14.91
CA GLU B 136 -9.76 -3.57 15.12
C GLU B 136 -8.76 -3.83 16.23
N ALA B 137 -7.56 -3.29 16.07
CA ALA B 137 -6.52 -3.49 17.06
C ALA B 137 -5.63 -2.26 17.17
N VAL B 138 -5.01 -2.12 18.33
CA VAL B 138 -4.08 -1.02 18.59
C VAL B 138 -2.74 -1.57 19.08
N ILE B 139 -1.67 -1.07 18.49
CA ILE B 139 -0.33 -1.41 18.95
C ILE B 139 0.36 -0.16 19.49
N ALA B 140 0.63 -0.15 20.79
CA ALA B 140 1.33 0.96 21.42
C ALA B 140 2.83 0.72 21.35
N THR B 141 3.51 1.48 20.50
CA THR B 141 4.92 1.23 20.24
C THR B 141 5.84 1.76 21.34
N TYR B 142 5.28 2.55 22.27
CA TYR B 142 6.04 3.08 23.39
C TYR B 142 6.03 2.11 24.59
N SER B 143 5.15 1.12 24.53
CA SER B 143 4.98 0.17 25.61
C SER B 143 6.21 -0.72 25.82
N PRO B 144 6.49 -1.07 27.08
CA PRO B 144 7.59 -2.02 27.36
C PRO B 144 7.31 -3.39 26.74
N LYS B 145 6.06 -3.67 26.40
CA LYS B 145 5.68 -4.92 25.73
C LYS B 145 5.91 -4.85 24.22
N PHE B 146 6.29 -3.68 23.72
CA PHE B 146 6.62 -3.57 22.30
C PHE B 146 8.07 -3.97 22.10
N THR B 147 8.32 -5.24 21.83
CA THR B 147 9.69 -5.72 21.68
C THR B 147 9.92 -6.51 20.40
N PRO B 148 9.72 -5.87 19.23
CA PRO B 148 9.82 -6.60 17.96
C PRO B 148 11.21 -7.17 17.70
N LYS B 149 12.25 -6.50 18.20
CA LYS B 149 13.62 -6.98 18.02
C LYS B 149 13.88 -8.22 18.86
N LEU B 150 13.03 -8.47 19.87
CA LEU B 150 13.12 -9.71 20.64
C LEU B 150 12.17 -10.76 20.05
N GLY B 151 11.44 -10.36 19.02
CA GLY B 151 10.60 -11.31 18.31
C GLY B 151 9.14 -11.35 18.71
N ASN B 152 8.70 -10.40 19.53
CA ASN B 152 7.28 -10.35 19.88
C ASN B 152 6.78 -8.97 20.27
N ILE B 153 5.52 -8.71 19.98
CA ILE B 153 4.88 -7.45 20.34
C ILE B 153 3.55 -7.74 20.98
N GLN B 154 2.85 -6.69 21.35
CA GLN B 154 1.55 -6.83 21.98
C GLN B 154 0.56 -5.88 21.31
N PHE B 155 -0.65 -6.36 21.06
CA PHE B 155 -1.70 -5.48 20.57
C PHE B 155 -2.94 -5.60 21.44
N SER B 156 -3.79 -4.58 21.40
CA SER B 156 -5.03 -4.60 22.17
C SER B 156 -6.24 -4.52 21.26
N THR B 157 -7.36 -5.07 21.71
CA THR B 157 -8.59 -5.05 20.93
C THR B 157 -9.76 -4.57 21.76
N TRP B 158 -10.81 -4.12 21.07
CA TRP B 158 -12.10 -3.89 21.70
C TRP B 158 -12.79 -5.24 21.91
N GLU B 159 -12.65 -6.13 20.93
CA GLU B 159 -13.17 -7.49 21.03
C GLU B 159 -12.55 -8.21 22.24
N THR B 160 -13.38 -8.90 23.01
CA THR B 160 -12.94 -9.46 24.29
C THR B 160 -12.49 -10.93 24.22
N GLN B 161 -12.91 -11.67 23.20
CA GLN B 161 -12.63 -13.10 23.19
C GLN B 161 -12.17 -13.67 21.83
N ASP B 162 -12.71 -13.13 20.74
CA ASP B 162 -12.59 -13.76 19.43
C ASP B 162 -11.23 -13.55 18.72
N VAL B 163 -10.14 -13.89 19.40
CA VAL B 163 -8.82 -13.89 18.79
C VAL B 163 -8.16 -15.24 19.06
N SER B 164 -7.72 -15.94 18.01
CA SER B 164 -7.23 -17.30 18.20
C SER B 164 -5.73 -17.39 18.42
N SER B 165 -5.31 -18.27 19.32
CA SER B 165 -3.90 -18.53 19.56
C SER B 165 -3.37 -19.59 18.61
N GLY B 166 -2.09 -19.47 18.23
CA GLY B 166 -1.44 -20.47 17.41
C GLY B 166 -1.82 -20.42 15.93
N GLN B 167 -2.40 -19.32 15.50
CA GLN B 167 -2.86 -19.18 14.12
C GLN B 167 -2.20 -18.01 13.37
N PRO B 168 -2.02 -18.14 12.05
CA PRO B 168 -1.45 -17.07 11.23
C PRO B 168 -2.17 -15.74 11.44
N THR B 169 -1.40 -14.71 11.80
CA THR B 169 -1.94 -13.43 12.18
C THR B 169 -1.30 -12.31 11.40
N LYS B 170 -2.12 -11.38 10.92
CA LYS B 170 -1.66 -10.24 10.15
C LYS B 170 -2.17 -8.92 10.74
N PHE B 171 -1.30 -7.93 10.83
CA PHE B 171 -1.72 -6.58 11.22
C PHE B 171 -1.69 -5.66 10.01
N THR B 172 -2.85 -5.14 9.63
CA THR B 172 -2.97 -4.13 8.58
C THR B 172 -3.12 -2.76 9.25
N PRO B 173 -2.11 -1.88 9.10
CA PRO B 173 -2.19 -0.55 9.71
C PRO B 173 -3.21 0.34 9.01
N VAL B 174 -3.91 1.17 9.77
CA VAL B 174 -4.89 2.10 9.19
C VAL B 174 -4.59 3.54 9.59
N GLY B 175 -4.21 3.75 10.85
CA GLY B 175 -3.87 5.07 11.33
C GLY B 175 -3.45 5.06 12.78
N LEU B 176 -3.82 6.11 13.51
CA LEU B 176 -3.53 6.20 14.94
C LEU B 176 -4.83 6.04 15.74
N ALA B 177 -4.72 5.46 16.93
CA ALA B 177 -5.87 5.30 17.80
C ALA B 177 -6.27 6.63 18.44
N SER B 178 -5.28 7.43 18.78
CA SER B 178 -5.49 8.67 19.49
C SER B 178 -4.23 9.50 19.39
N VAL B 179 -4.35 10.80 19.65
CA VAL B 179 -3.17 11.65 19.77
C VAL B 179 -3.21 12.49 21.05
N ASP B 180 -3.98 12.06 22.04
N ASP B 180 -3.98 12.08 22.05
CA ASP B 180 -4.01 12.72 23.34
CA ASP B 180 -3.99 12.83 23.31
C ASP B 180 -2.68 12.55 24.08
C ASP B 180 -2.72 12.51 24.11
N ALA B 181 -2.60 13.13 25.27
CA ALA B 181 -1.38 13.05 26.08
C ALA B 181 -1.04 11.63 26.48
N ASN B 182 -2.05 10.85 26.81
CA ASN B 182 -1.87 9.45 27.17
C ASN B 182 -1.36 8.60 26.01
N SER B 183 -1.62 9.05 24.79
CA SER B 183 -1.31 8.26 23.59
C SER B 183 0.16 8.34 23.15
N HIS B 184 0.90 9.31 23.67
CA HIS B 184 2.35 9.44 23.43
C HIS B 184 2.75 9.42 21.96
N PHE B 185 2.09 10.23 21.14
CA PHE B 185 2.44 10.32 19.73
C PHE B 185 3.57 11.31 19.50
N ASP B 186 4.72 10.80 19.07
CA ASP B 186 5.84 11.63 18.67
C ASP B 186 6.53 10.96 17.50
N GLN B 187 6.40 11.54 16.32
CA GLN B 187 6.88 10.89 15.10
C GLN B 187 8.40 10.80 15.03
N TRP B 188 9.10 11.53 15.90
CA TRP B 188 10.56 11.51 15.90
C TRP B 188 11.13 10.75 17.09
N THR B 189 10.26 10.21 17.93
CA THR B 189 10.74 9.38 19.03
C THR B 189 10.72 7.91 18.60
N LEU B 190 11.90 7.34 18.47
CA LEU B 190 12.03 5.93 18.12
C LEU B 190 11.49 5.04 19.23
N PRO B 191 10.83 3.94 18.85
CA PRO B 191 10.48 2.95 19.87
C PRO B 191 11.75 2.32 20.45
N SER B 192 11.65 1.72 21.62
CA SER B 192 12.73 0.86 22.10
C SER B 192 12.48 -0.55 21.55
N TYR B 193 13.12 -0.86 20.44
CA TYR B 193 12.84 -2.11 19.70
C TYR B 193 13.05 -3.37 20.53
N SER B 194 13.97 -3.31 21.48
CA SER B 194 14.24 -4.44 22.35
C SER B 194 13.62 -4.24 23.73
N GLY B 195 12.79 -3.21 23.86
CA GLY B 195 12.12 -2.97 25.13
C GLY B 195 12.96 -2.19 26.12
N ALA B 196 12.51 -2.17 27.37
CA ALA B 196 13.13 -1.33 28.40
C ALA B 196 14.55 -1.75 28.76
N LEU B 197 15.37 -0.76 29.08
CA LEU B 197 16.74 -0.97 29.56
C LEU B 197 17.61 -1.70 28.54
N THR B 198 17.26 -1.57 27.27
CA THR B 198 18.09 -2.11 26.19
C THR B 198 18.11 -1.15 25.01
N LEU B 199 19.30 -0.84 24.51
CA LEU B 199 19.44 0.18 23.50
C LEU B 199 19.23 -0.36 22.09
N ASN B 200 18.72 0.51 21.22
CA ASN B 200 18.54 0.19 19.82
C ASN B 200 19.88 0.05 19.12
N MET B 201 19.94 -0.82 18.11
CA MET B 201 21.18 -1.05 17.38
C MET B 201 20.94 -1.04 15.88
N ASN B 202 22.01 -0.87 15.11
CA ASN B 202 21.98 -0.90 13.65
C ASN B 202 21.04 0.16 13.07
N LEU B 203 20.93 1.28 13.75
CA LEU B 203 20.04 2.35 13.31
C LEU B 203 20.55 3.04 12.05
N ALA B 204 19.64 3.40 11.17
CA ALA B 204 19.96 4.40 10.15
C ALA B 204 20.35 5.68 10.88
N PRO B 205 21.35 6.41 10.35
CA PRO B 205 21.86 7.59 11.05
C PRO B 205 20.87 8.76 11.06
N SER B 206 21.08 9.68 12.00
CA SER B 206 20.29 10.90 12.08
C SER B 206 20.56 11.78 10.87
N VAL B 207 19.61 12.63 10.51
CA VAL B 207 19.80 13.55 9.39
C VAL B 207 19.62 15.01 9.82
N ALA B 208 20.41 15.88 9.22
CA ALA B 208 20.39 17.29 9.55
C ALA B 208 21.00 18.10 8.42
N PRO B 209 20.53 19.34 8.23
CA PRO B 209 21.21 20.19 7.25
C PRO B 209 22.56 20.64 7.81
N VAL B 210 23.64 20.35 7.11
CA VAL B 210 24.97 20.79 7.53
C VAL B 210 25.18 22.27 7.19
N PHE B 211 24.65 22.66 6.04
CA PHE B 211 24.79 24.01 5.52
CA PHE B 211 24.79 24.01 5.52
C PHE B 211 23.95 25.00 6.36
N PRO B 212 24.49 26.21 6.59
CA PRO B 212 23.71 27.19 7.34
C PRO B 212 22.62 27.85 6.49
N GLY B 213 21.47 28.12 7.10
CA GLY B 213 20.34 28.66 6.36
C GLY B 213 19.56 27.63 5.57
N GLU B 214 19.83 26.35 5.80
CA GLU B 214 19.09 25.28 5.16
C GLU B 214 18.28 24.51 6.19
N CYS B 215 17.16 23.96 5.76
CA CYS B 215 16.36 23.14 6.64
C CYS B 215 15.95 21.87 5.92
N LEU B 216 15.58 20.86 6.70
CA LEU B 216 15.05 19.61 6.15
C LEU B 216 13.75 19.85 5.41
N LEU B 217 13.61 19.20 4.26
CA LEU B 217 12.35 19.18 3.50
C LEU B 217 11.72 17.81 3.59
N PHE B 218 10.46 17.73 4.04
CA PHE B 218 9.78 16.46 4.22
C PHE B 218 8.64 16.25 3.24
N PHE B 219 8.34 14.98 3.00
CA PHE B 219 7.11 14.56 2.32
C PHE B 219 6.09 14.20 3.39
N ARG B 220 5.05 15.02 3.51
CA ARG B 220 4.09 14.89 4.61
C ARG B 220 2.80 14.19 4.21
N SER B 221 2.35 13.30 5.09
CA SER B 221 1.04 12.68 4.93
C SER B 221 0.24 12.87 6.20
N PHE B 222 -1.05 13.15 6.05
CA PHE B 222 -1.92 13.22 7.22
C PHE B 222 -2.49 11.85 7.53
N ILE B 223 -2.36 11.44 8.78
CA ILE B 223 -2.67 10.07 9.17
C ILE B 223 -4.03 10.02 9.86
N PRO B 224 -4.88 9.05 9.48
CA PRO B 224 -6.21 8.92 10.07
C PRO B 224 -6.21 8.68 11.58
N LEU B 225 -7.33 9.03 12.19
CA LEU B 225 -7.52 8.87 13.63
C LEU B 225 -8.78 8.07 13.91
N LYS B 226 -8.67 7.10 14.80
CA LYS B 226 -9.82 6.31 15.23
C LYS B 226 -10.83 7.23 15.93
N GLY B 227 -10.32 8.14 16.75
CA GLY B 227 -11.19 9.04 17.50
C GLY B 227 -10.44 10.23 18.07
N GLY B 228 -11.18 11.13 18.71
CA GLY B 228 -10.57 12.28 19.35
C GLY B 228 -10.30 13.44 18.41
N TYR B 229 -9.64 14.46 18.95
CA TYR B 229 -9.33 15.66 18.19
C TYR B 229 -7.89 15.64 17.72
N GLY B 230 -7.63 16.22 16.56
CA GLY B 230 -6.28 16.31 16.06
C GLY B 230 -6.18 16.24 14.56
N ASN B 231 -5.02 16.67 14.05
CA ASN B 231 -4.69 16.52 12.65
C ASN B 231 -3.26 15.99 12.54
N PRO B 232 -2.99 14.80 13.10
CA PRO B 232 -1.63 14.27 13.13
C PRO B 232 -1.08 14.02 11.72
N ALA B 233 0.23 14.13 11.58
CA ALA B 233 0.87 13.96 10.30
C ALA B 233 2.13 13.13 10.44
N ILE B 234 2.52 12.47 9.35
CA ILE B 234 3.77 11.71 9.30
C ILE B 234 4.65 12.26 8.19
N ASP B 235 5.86 12.67 8.57
CA ASP B 235 6.83 13.21 7.61
C ASP B 235 7.89 12.17 7.28
N CYS B 236 8.10 11.93 5.98
CA CYS B 236 9.15 11.01 5.58
C CYS B 236 10.20 11.76 4.78
N LEU B 237 11.43 11.27 4.82
CA LEU B 237 12.55 11.89 4.12
C LEU B 237 12.44 11.73 2.61
N MET B 238 11.97 10.57 2.18
CA MET B 238 11.77 10.27 0.76
C MET B 238 10.54 9.38 0.62
N PRO B 239 9.76 9.57 -0.46
CA PRO B 239 8.61 8.69 -0.70
C PRO B 239 9.03 7.26 -0.97
N GLN B 240 8.12 6.31 -0.80
CA GLN B 240 8.46 4.90 -0.97
C GLN B 240 8.93 4.63 -2.40
N GLU B 241 8.36 5.34 -3.37
CA GLU B 241 8.73 5.15 -4.77
C GLU B 241 10.18 5.53 -5.06
N TRP B 242 10.72 6.50 -4.32
CA TRP B 242 12.12 6.86 -4.46
C TRP B 242 13.02 5.77 -3.89
N VAL B 243 12.65 5.28 -2.71
CA VAL B 243 13.33 4.15 -2.10
C VAL B 243 13.39 3.00 -3.10
N GLN B 244 12.25 2.72 -3.71
CA GLN B 244 12.16 1.62 -4.69
C GLN B 244 13.00 1.91 -5.92
N HIS B 245 12.96 3.16 -6.39
CA HIS B 245 13.69 3.56 -7.58
C HIS B 245 15.20 3.54 -7.36
N LEU B 246 15.65 4.12 -6.25
CA LEU B 246 17.07 4.15 -5.94
C LEU B 246 17.62 2.74 -5.78
N TYR B 247 16.82 1.86 -5.17
CA TYR B 247 17.24 0.47 -5.01
C TYR B 247 17.40 -0.20 -6.36
N GLN B 248 16.47 0.06 -7.29
CA GLN B 248 16.56 -0.55 -8.62
C GLN B 248 17.78 -0.04 -9.39
N GLU B 249 18.00 1.27 -9.35
CA GLU B 249 19.03 1.86 -10.18
C GLU B 249 20.43 1.60 -9.63
N SER B 250 20.58 1.78 -8.33
CA SER B 250 21.88 1.62 -7.66
C SER B 250 22.97 2.44 -8.34
N ALA B 251 22.61 3.65 -8.77
CA ALA B 251 23.56 4.54 -9.43
C ALA B 251 24.58 5.06 -8.44
N PRO B 252 25.87 4.99 -8.81
CA PRO B 252 26.92 5.50 -7.91
C PRO B 252 26.77 7.00 -7.68
N SER B 253 26.99 7.42 -6.44
CA SER B 253 26.93 8.83 -6.07
C SER B 253 28.24 9.54 -6.42
N LEU B 254 28.17 10.51 -7.33
CA LEU B 254 29.37 11.17 -7.82
C LEU B 254 29.75 12.36 -6.93
N SER B 255 28.91 12.62 -5.93
CA SER B 255 29.19 13.63 -4.93
C SER B 255 28.35 13.38 -3.68
N ASP B 256 28.55 14.20 -2.66
CA ASP B 256 27.81 14.06 -1.41
C ASP B 256 26.43 14.71 -1.51
N VAL B 257 26.21 15.50 -2.54
CA VAL B 257 24.94 16.22 -2.68
C VAL B 257 24.47 16.30 -4.12
N ALA B 258 23.22 15.91 -4.36
CA ALA B 258 22.62 16.03 -5.67
C ALA B 258 21.69 17.24 -5.73
N LEU B 259 21.89 18.09 -6.73
CA LEU B 259 21.02 19.23 -6.92
C LEU B 259 19.78 18.79 -7.68
N VAL B 260 18.61 18.99 -7.06
CA VAL B 260 17.36 18.65 -7.71
C VAL B 260 16.44 19.87 -7.80
N ARG B 261 15.68 19.93 -8.88
CA ARG B 261 14.74 21.01 -9.08
C ARG B 261 13.31 20.48 -9.13
N TYR B 262 12.42 21.17 -8.41
CA TYR B 262 11.00 20.87 -8.45
C TYR B 262 10.41 21.58 -9.66
N VAL B 263 9.91 20.80 -10.61
CA VAL B 263 9.67 21.28 -11.96
C VAL B 263 8.21 21.05 -12.40
N ASN B 264 7.66 21.96 -13.20
CA ASN B 264 6.38 21.69 -13.85
C ASN B 264 6.55 20.65 -14.95
N PRO B 265 5.71 19.60 -14.94
CA PRO B 265 5.89 18.41 -15.80
C PRO B 265 5.80 18.69 -17.30
N GLU B 266 5.09 19.73 -17.74
CA GLU B 266 4.95 19.98 -19.17
C GLU B 266 5.89 21.07 -19.68
N THR B 267 5.98 22.20 -18.98
CA THR B 267 6.86 23.28 -19.40
C THR B 267 8.34 22.94 -19.16
N GLY B 268 8.61 22.33 -18.00
CA GLY B 268 9.98 22.04 -17.62
C GLY B 268 10.55 23.15 -16.75
N ARG B 269 9.73 24.14 -16.46
CA ARG B 269 10.15 25.30 -15.67
C ARG B 269 10.37 24.97 -14.20
N THR B 270 11.45 25.50 -13.63
CA THR B 270 11.78 25.29 -12.24
C THR B 270 10.91 26.10 -11.29
N LEU B 271 10.35 25.46 -10.27
CA LEU B 271 9.55 26.14 -9.27
C LEU B 271 10.38 26.47 -8.03
N PHE B 272 11.18 25.50 -7.59
CA PHE B 272 12.21 25.76 -6.58
C PHE B 272 13.26 24.66 -6.68
N GLU B 273 14.36 24.82 -5.95
CA GLU B 273 15.42 23.83 -5.99
C GLU B 273 15.72 23.32 -4.59
N ALA B 274 16.37 22.17 -4.53
CA ALA B 274 16.66 21.52 -3.25
C ALA B 274 17.94 20.74 -3.35
N LYS B 275 18.53 20.43 -2.19
CA LYS B 275 19.68 19.54 -2.13
C LYS B 275 19.23 18.14 -1.72
N LEU B 276 19.61 17.14 -2.51
CA LEU B 276 19.37 15.75 -2.18
C LEU B 276 20.67 15.11 -1.71
N HIS B 277 20.76 14.83 -0.41
CA HIS B 277 22.01 14.36 0.19
C HIS B 277 22.23 12.85 0.05
N ARG B 278 23.49 12.45 0.16
CA ARG B 278 23.90 11.07 -0.08
C ARG B 278 23.11 10.04 0.73
N ASN B 279 22.85 10.34 2.00
CA ASN B 279 22.12 9.41 2.86
C ASN B 279 20.61 9.35 2.60
N GLY B 280 20.14 10.09 1.62
CA GLY B 280 18.74 10.03 1.23
C GLY B 280 17.82 11.00 1.98
N PHE B 281 18.09 12.29 1.87
CA PHE B 281 17.18 13.29 2.42
C PHE B 281 17.36 14.63 1.71
N LEU B 282 16.36 15.50 1.85
CA LEU B 282 16.34 16.77 1.15
C LEU B 282 16.52 17.97 2.09
N THR B 283 17.22 18.98 1.61
CA THR B 283 17.23 20.27 2.29
C THR B 283 16.87 21.40 1.32
N VAL B 284 16.32 22.46 1.87
CA VAL B 284 16.00 23.65 1.09
C VAL B 284 16.44 24.90 1.84
N ALA B 285 16.59 26.01 1.14
CA ALA B 285 16.83 27.29 1.79
C ALA B 285 15.48 27.96 2.05
N ARG B 286 14.94 27.73 3.24
CA ARG B 286 13.64 28.29 3.59
C ARG B 286 13.65 28.73 5.04
N ASN B 287 13.24 29.97 5.28
CA ASN B 287 13.13 30.48 6.65
C ASN B 287 11.76 30.16 7.22
N SER B 288 10.79 30.02 6.31
CA SER B 288 9.40 29.79 6.69
CA SER B 288 9.40 29.79 6.69
C SER B 288 9.15 28.33 7.05
N ALA B 289 8.20 28.11 7.96
CA ALA B 289 7.84 26.76 8.38
C ALA B 289 6.42 26.42 7.95
N GLY B 290 6.09 25.13 7.97
CA GLY B 290 4.76 24.68 7.60
C GLY B 290 4.70 24.05 6.21
N PRO B 291 3.47 23.78 5.74
CA PRO B 291 3.30 23.18 4.42
C PRO B 291 3.91 24.08 3.35
N VAL B 292 4.46 23.47 2.30
CA VAL B 292 5.04 24.24 1.20
C VAL B 292 3.98 24.56 0.17
N VAL B 293 3.85 25.84 -0.17
CA VAL B 293 2.89 26.25 -1.18
C VAL B 293 3.48 26.03 -2.56
N ALA B 294 3.05 24.94 -3.19
CA ALA B 294 3.54 24.54 -4.50
C ALA B 294 2.52 23.62 -5.16
N PRO B 295 2.46 23.64 -6.50
CA PRO B 295 1.50 22.75 -7.15
C PRO B 295 1.85 21.29 -6.93
N THR B 296 0.85 20.46 -6.65
CA THR B 296 1.08 19.03 -6.53
C THR B 296 1.47 18.46 -7.89
N ASN B 297 1.08 19.16 -8.95
CA ASN B 297 1.48 18.80 -10.30
C ASN B 297 2.90 19.30 -10.58
N GLY B 298 3.86 18.67 -9.93
CA GLY B 298 5.26 18.97 -10.13
C GLY B 298 6.06 17.81 -9.57
N TYR B 299 7.32 17.70 -9.97
CA TYR B 299 8.16 16.63 -9.46
C TYR B 299 9.61 17.06 -9.41
N PHE B 300 10.38 16.38 -8.57
CA PHE B 300 11.81 16.63 -8.49
C PHE B 300 12.55 15.97 -9.64
N ARG B 301 13.39 16.76 -10.30
CA ARG B 301 14.21 16.30 -11.40
C ARG B 301 15.68 16.53 -11.05
N PHE B 302 16.48 15.48 -11.19
CA PHE B 302 17.91 15.59 -10.93
C PHE B 302 18.59 16.52 -11.93
N ASP B 303 19.38 17.46 -11.43
CA ASP B 303 20.07 18.43 -12.27
C ASP B 303 21.56 18.11 -12.43
N SER B 304 22.26 18.01 -11.30
CA SER B 304 23.69 17.74 -11.29
C SER B 304 24.19 17.43 -9.88
N TRP B 305 25.36 16.81 -9.80
CA TRP B 305 26.06 16.64 -8.55
C TRP B 305 26.81 17.91 -8.20
N VAL B 306 26.70 18.37 -6.95
CA VAL B 306 27.38 19.59 -6.52
C VAL B 306 28.18 19.33 -5.24
N ASN B 307 28.98 20.30 -4.82
CA ASN B 307 29.77 20.14 -3.60
C ASN B 307 29.05 20.67 -2.37
N GLN B 308 29.75 20.69 -1.24
CA GLN B 308 29.17 21.08 0.04
C GLN B 308 28.87 22.57 0.13
N PHE B 309 29.48 23.34 -0.77
CA PHE B 309 29.39 24.78 -0.73
C PHE B 309 28.31 25.40 -1.58
N TYR B 310 27.68 24.62 -2.44
CA TYR B 310 26.66 25.12 -3.35
C TYR B 310 25.54 25.79 -2.56
N THR B 311 25.12 26.97 -3.01
CA THR B 311 24.08 27.72 -2.30
C THR B 311 22.75 27.61 -3.03
N LEU B 312 21.72 27.20 -2.31
CA LEU B 312 20.37 27.07 -2.88
C LEU B 312 19.66 28.42 -2.96
N ALA B 313 18.88 28.62 -4.02
CA ALA B 313 17.99 29.77 -4.08
C ALA B 313 16.93 29.65 -3.01
N PRO B 314 16.65 30.74 -2.28
CA PRO B 314 15.58 30.76 -1.28
C PRO B 314 14.24 30.39 -1.92
N MET B 315 13.34 29.78 -1.15
CA MET B 315 12.01 29.44 -1.64
C MET B 315 10.92 29.93 -0.71
N GLN C 1 -1.36 -17.10 3.11
CA GLN C 1 -0.11 -17.61 2.55
C GLN C 1 -0.06 -19.13 2.65
N VAL C 2 0.51 -19.78 1.64
CA VAL C 2 0.71 -21.21 1.68
C VAL C 2 1.99 -21.50 2.45
N GLN C 3 1.88 -22.34 3.47
CA GLN C 3 3.00 -22.60 4.36
C GLN C 3 2.89 -23.98 4.97
N LEU C 4 4.03 -24.50 5.40
CA LEU C 4 4.03 -25.74 6.16
C LEU C 4 3.56 -25.48 7.58
N GLN C 5 3.06 -26.52 8.24
CA GLN C 5 2.62 -26.39 9.62
C GLN C 5 3.37 -27.40 10.46
N GLU C 6 4.12 -26.91 11.44
CA GLU C 6 4.85 -27.82 12.30
C GLU C 6 4.18 -27.91 13.67
N SER C 7 4.16 -29.12 14.23
CA SER C 7 3.53 -29.37 15.51
C SER C 7 4.15 -30.57 16.23
N GLY C 8 3.70 -30.80 17.45
CA GLY C 8 4.17 -31.92 18.24
C GLY C 8 5.26 -31.52 19.22
N GLY C 9 5.47 -30.22 19.36
CA GLY C 9 6.45 -29.71 20.30
C GLY C 9 5.84 -29.60 21.68
N GLY C 10 6.64 -29.91 22.70
CA GLY C 10 6.16 -29.84 24.07
C GLY C 10 7.31 -29.88 25.05
N LEU C 11 6.97 -30.03 26.33
CA LEU C 11 7.98 -30.13 27.38
C LEU C 11 8.39 -31.59 27.60
N VAL C 12 9.69 -31.84 27.72
CA VAL C 12 10.21 -33.17 27.97
C VAL C 12 11.46 -33.14 28.85
N GLN C 13 11.69 -34.22 29.59
CA GLN C 13 12.89 -34.38 30.40
C GLN C 13 14.04 -34.85 29.51
N PRO C 14 15.29 -34.59 29.91
CA PRO C 14 16.45 -35.04 29.13
C PRO C 14 16.43 -36.55 28.90
N GLY C 15 16.85 -36.98 27.71
CA GLY C 15 16.81 -38.39 27.35
C GLY C 15 15.44 -38.82 26.83
N GLY C 16 14.45 -37.95 26.97
CA GLY C 16 13.11 -38.23 26.49
C GLY C 16 13.03 -38.20 24.98
N SER C 17 11.83 -38.37 24.44
CA SER C 17 11.65 -38.39 23.00
C SER C 17 10.42 -37.59 22.54
N LEU C 18 10.48 -37.08 21.31
CA LEU C 18 9.38 -36.35 20.73
C LEU C 18 9.29 -36.57 19.21
N ARG C 19 8.07 -36.57 18.70
CA ARG C 19 7.84 -36.68 17.27
CA ARG C 19 7.83 -36.69 17.27
C ARG C 19 7.20 -35.40 16.76
N LEU C 20 7.93 -34.68 15.91
CA LEU C 20 7.40 -33.45 15.34
C LEU C 20 6.79 -33.76 13.99
N SER C 21 5.76 -32.99 13.64
CA SER C 21 5.11 -33.17 12.34
C SER C 21 5.22 -31.89 11.54
N CYS C 22 5.67 -32.04 10.30
CA CYS C 22 5.72 -30.95 9.33
C CYS C 22 4.65 -31.21 8.28
N ALA C 23 3.53 -30.50 8.37
CA ALA C 23 2.40 -30.79 7.52
C ALA C 23 2.10 -29.67 6.53
N ALA C 24 1.67 -30.06 5.34
CA ALA C 24 1.28 -29.09 4.31
C ALA C 24 -0.08 -28.49 4.65
N SER C 25 -0.16 -27.17 4.65
CA SER C 25 -1.42 -26.50 4.99
C SER C 25 -2.14 -26.07 3.71
N GLY C 26 -3.15 -26.84 3.34
CA GLY C 26 -3.93 -26.60 2.15
C GLY C 26 -3.40 -27.32 0.92
N PHE C 27 -2.15 -27.05 0.57
CA PHE C 27 -1.54 -27.67 -0.61
C PHE C 27 -1.03 -29.09 -0.37
N THR C 28 -0.52 -29.70 -1.43
CA THR C 28 -0.01 -31.06 -1.39
C THR C 28 1.51 -31.07 -1.52
N LEU C 29 2.17 -31.81 -0.64
CA LEU C 29 3.62 -31.94 -0.68
C LEU C 29 4.09 -32.48 -2.03
N GLY C 30 5.05 -31.80 -2.64
CA GLY C 30 5.54 -32.21 -3.95
C GLY C 30 6.93 -32.84 -3.87
N TYR C 31 7.58 -33.00 -5.02
CA TYR C 31 8.87 -33.66 -5.07
C TYR C 31 10.03 -32.68 -4.92
N TYR C 32 10.40 -32.42 -3.67
CA TYR C 32 11.50 -31.52 -3.35
C TYR C 32 11.97 -31.79 -1.93
N PRO C 33 13.22 -31.40 -1.62
CA PRO C 33 13.68 -31.60 -0.25
C PRO C 33 12.86 -30.80 0.78
N ILE C 34 12.64 -31.40 1.94
CA ILE C 34 12.01 -30.74 3.07
C ILE C 34 13.03 -30.69 4.20
N GLY C 35 13.22 -29.53 4.81
CA GLY C 35 14.21 -29.41 5.86
C GLY C 35 13.63 -29.01 7.20
N TRP C 36 14.27 -29.50 8.26
CA TRP C 36 13.93 -29.05 9.60
C TRP C 36 15.01 -28.09 10.08
N PHE C 37 14.56 -27.00 10.71
CA PHE C 37 15.45 -25.96 11.22
C PHE C 37 15.06 -25.64 12.65
N ARG C 38 15.94 -24.99 13.39
CA ARG C 38 15.59 -24.56 14.73
C ARG C 38 16.23 -23.22 15.08
N GLN C 39 15.58 -22.50 15.97
CA GLN C 39 16.10 -21.22 16.45
C GLN C 39 16.04 -21.21 17.96
N ALA C 40 17.19 -21.37 18.60
CA ALA C 40 17.29 -21.34 20.05
C ALA C 40 17.30 -19.88 20.52
N PRO C 41 16.92 -19.63 21.79
CA PRO C 41 16.83 -18.26 22.30
C PRO C 41 18.09 -17.41 22.09
N GLY C 42 17.93 -16.28 21.41
CA GLY C 42 19.04 -15.35 21.18
C GLY C 42 20.03 -15.79 20.12
N LYS C 43 19.74 -16.91 19.47
CA LYS C 43 20.64 -17.47 18.47
C LYS C 43 20.00 -17.47 17.09
N GLY C 44 20.83 -17.56 16.05
CA GLY C 44 20.35 -17.55 14.68
C GLY C 44 19.72 -18.86 14.23
N LEU C 45 19.01 -18.79 13.11
CA LEU C 45 18.39 -19.95 12.49
C LEU C 45 19.44 -20.95 12.01
N GLU C 46 19.26 -22.22 12.35
CA GLU C 46 20.23 -23.23 11.96
C GLU C 46 19.58 -24.51 11.40
N GLY C 47 20.29 -25.16 10.48
CA GLY C 47 19.80 -26.39 9.88
C GLY C 47 19.95 -27.58 10.81
N VAL C 48 18.94 -28.44 10.84
CA VAL C 48 18.93 -29.61 11.73
C VAL C 48 18.98 -30.91 10.94
N SER C 49 18.08 -31.04 9.97
CA SER C 49 17.97 -32.26 9.19
C SER C 49 17.16 -32.00 7.92
N CYS C 50 17.36 -32.81 6.89
CA CYS C 50 16.56 -32.71 5.67
C CYS C 50 16.25 -34.09 5.13
N ILE C 51 15.22 -34.18 4.31
CA ILE C 51 14.94 -35.43 3.61
C ILE C 51 14.64 -35.11 2.15
N SER C 52 15.12 -35.98 1.26
CA SER C 52 14.98 -35.77 -0.17
C SER C 52 13.53 -35.95 -0.60
N GLY C 53 13.24 -35.54 -1.84
CA GLY C 53 11.91 -35.73 -2.40
C GLY C 53 11.52 -37.20 -2.39
N SER C 54 12.51 -38.06 -2.64
CA SER C 54 12.27 -39.50 -2.64
C SER C 54 11.92 -40.03 -1.25
N GLY C 55 12.47 -39.38 -0.22
CA GLY C 55 12.27 -39.81 1.15
C GLY C 55 13.25 -40.90 1.53
N GLY C 56 14.14 -41.23 0.60
CA GLY C 56 15.11 -42.29 0.81
C GLY C 56 16.47 -41.77 1.20
N SER C 57 16.69 -40.48 1.00
CA SER C 57 17.97 -39.89 1.36
C SER C 57 17.78 -38.79 2.39
N ALA C 58 18.58 -38.83 3.45
CA ALA C 58 18.47 -37.87 4.54
C ALA C 58 19.83 -37.36 4.96
N ASN C 59 19.85 -36.17 5.56
CA ASN C 59 21.08 -35.61 6.09
C ASN C 59 20.80 -35.01 7.46
N TYR C 60 21.83 -34.92 8.29
CA TYR C 60 21.67 -34.44 9.65
C TYR C 60 22.80 -33.51 10.04
N ALA C 61 22.49 -32.52 10.86
CA ALA C 61 23.51 -31.71 11.49
C ALA C 61 24.31 -32.59 12.43
N ALA C 62 25.61 -32.32 12.55
CA ALA C 62 26.49 -33.13 13.39
C ALA C 62 25.99 -33.16 14.84
N SER C 63 25.30 -32.10 15.22
CA SER C 63 24.77 -31.96 16.58
C SER C 63 23.71 -33.00 16.91
N VAL C 64 22.95 -33.44 15.91
CA VAL C 64 21.83 -34.35 16.14
C VAL C 64 21.97 -35.69 15.44
N LYS C 65 23.08 -35.87 14.72
CA LYS C 65 23.32 -37.12 14.00
C LYS C 65 23.36 -38.29 14.97
N GLY C 66 22.52 -39.29 14.72
CA GLY C 66 22.45 -40.46 15.58
C GLY C 66 21.33 -40.38 16.60
N ARG C 67 20.83 -39.18 16.89
CA ARG C 67 19.75 -39.02 17.85
C ARG C 67 18.43 -38.70 17.16
N PHE C 68 18.50 -38.04 16.01
CA PHE C 68 17.30 -37.64 15.29
C PHE C 68 17.09 -38.48 14.03
N THR C 69 15.83 -38.74 13.71
CA THR C 69 15.48 -39.46 12.50
C THR C 69 14.37 -38.72 11.75
N ILE C 70 14.65 -38.36 10.50
CA ILE C 70 13.65 -37.68 9.69
C ILE C 70 13.06 -38.67 8.70
N SER C 71 11.75 -38.58 8.48
CA SER C 71 11.08 -39.48 7.56
C SER C 71 9.96 -38.76 6.81
N ARG C 72 9.59 -39.32 5.66
CA ARG C 72 8.58 -38.71 4.80
C ARG C 72 7.38 -39.62 4.60
N ASP C 73 6.19 -39.09 4.86
CA ASP C 73 4.95 -39.80 4.58
C ASP C 73 4.07 -38.95 3.66
N ASN C 74 4.34 -39.04 2.36
CA ASN C 74 3.64 -38.22 1.38
C ASN C 74 2.15 -38.51 1.33
N ALA C 75 1.77 -39.72 1.71
CA ALA C 75 0.37 -40.11 1.77
C ALA C 75 -0.40 -39.19 2.73
N LYS C 76 0.22 -38.88 3.86
CA LYS C 76 -0.40 -38.00 4.85
C LYS C 76 0.11 -36.56 4.70
N ASN C 77 0.84 -36.29 3.62
CA ASN C 77 1.38 -34.96 3.35
C ASN C 77 2.18 -34.40 4.52
N THR C 78 2.91 -35.28 5.19
CA THR C 78 3.61 -34.90 6.41
C THR C 78 5.05 -35.43 6.44
N VAL C 79 5.96 -34.59 6.90
CA VAL C 79 7.34 -34.99 7.16
C VAL C 79 7.56 -35.03 8.67
N TYR C 80 8.12 -36.14 9.16
CA TYR C 80 8.29 -36.32 10.59
C TYR C 80 9.73 -36.12 11.04
N LEU C 81 9.90 -35.53 12.22
CA LEU C 81 11.20 -35.49 12.86
C LEU C 81 11.13 -36.23 14.19
N GLN C 82 11.67 -37.44 14.20
CA GLN C 82 11.68 -38.25 15.42
C GLN C 82 12.90 -37.87 16.24
N MET C 83 12.67 -37.25 17.39
CA MET C 83 13.77 -36.78 18.22
C MET C 83 13.95 -37.69 19.43
N ASN C 84 15.09 -38.36 19.50
CA ASN C 84 15.39 -39.24 20.62
C ASN C 84 16.58 -38.73 21.42
N SER C 85 16.71 -39.18 22.66
CA SER C 85 17.80 -38.78 23.54
C SER C 85 17.98 -37.26 23.59
N LEU C 86 16.88 -36.54 23.83
CA LEU C 86 16.92 -35.08 23.82
C LEU C 86 17.88 -34.52 24.86
N LYS C 87 18.58 -33.47 24.47
CA LYS C 87 19.49 -32.77 25.36
C LYS C 87 18.94 -31.37 25.60
N PRO C 88 19.36 -30.71 26.69
CA PRO C 88 18.87 -29.35 26.96
C PRO C 88 19.28 -28.35 25.88
N GLU C 89 20.32 -28.67 25.11
CA GLU C 89 20.76 -27.83 24.01
C GLU C 89 19.82 -27.92 22.82
N ASP C 90 18.91 -28.89 22.83
CA ASP C 90 17.94 -29.07 21.76
C ASP C 90 16.75 -28.13 21.91
N THR C 91 16.68 -27.44 23.05
CA THR C 91 15.59 -26.51 23.31
C THR C 91 15.60 -25.35 22.33
N ALA C 92 14.53 -25.23 21.55
CA ALA C 92 14.42 -24.21 20.52
C ALA C 92 13.03 -24.20 19.93
N ILE C 93 12.78 -23.24 19.04
CA ILE C 93 11.62 -23.28 18.17
C ILE C 93 12.01 -24.02 16.89
N TYR C 94 11.24 -25.05 16.54
CA TYR C 94 11.57 -25.85 15.38
C TYR C 94 10.71 -25.46 14.17
N TYR C 95 11.37 -25.28 13.03
CA TYR C 95 10.71 -24.87 11.80
C TYR C 95 10.96 -25.85 10.67
N CYS C 96 10.03 -25.95 9.73
CA CYS C 96 10.31 -26.70 8.52
C CYS C 96 10.07 -25.82 7.29
N ALA C 97 10.82 -26.11 6.23
CA ALA C 97 10.74 -25.36 4.97
C ALA C 97 11.11 -26.27 3.81
N ALA C 98 10.77 -25.87 2.60
CA ALA C 98 11.08 -26.67 1.41
C ALA C 98 12.22 -26.04 0.62
N ASP C 99 13.00 -26.89 -0.02
CA ASP C 99 14.05 -26.43 -0.92
C ASP C 99 13.53 -26.52 -2.36
N LEU C 100 13.21 -25.37 -2.93
CA LEU C 100 12.64 -25.30 -4.27
C LEU C 100 13.68 -24.86 -5.30
N SER C 101 14.94 -24.84 -4.89
CA SER C 101 16.03 -24.34 -5.73
C SER C 101 16.29 -25.17 -6.99
N SER C 102 16.34 -26.48 -6.86
CA SER C 102 16.69 -27.34 -7.99
C SER C 102 15.66 -28.44 -8.19
N LEU C 103 14.47 -28.05 -8.66
CA LEU C 103 13.40 -28.99 -8.95
C LEU C 103 13.74 -29.91 -10.10
N GLN C 107 18.79 -33.38 -8.17
CA GLN C 107 19.71 -33.77 -7.12
C GLN C 107 19.23 -35.02 -6.40
N ALA C 108 20.09 -35.60 -5.57
CA ALA C 108 19.76 -36.82 -4.83
C ALA C 108 19.90 -36.63 -3.32
N MET C 109 21.04 -36.07 -2.90
CA MET C 109 21.36 -35.94 -1.49
C MET C 109 21.13 -34.54 -0.93
N CYS C 110 20.48 -34.49 0.23
CA CYS C 110 20.22 -33.24 0.95
C CYS C 110 21.45 -32.40 1.22
N VAL C 111 21.21 -31.11 1.43
CA VAL C 111 22.23 -30.20 1.91
C VAL C 111 21.73 -29.48 3.16
N ILE C 112 22.50 -29.58 4.24
CA ILE C 112 22.22 -28.81 5.44
C ILE C 112 22.97 -27.50 5.31
N PRO C 113 22.25 -26.38 5.25
CA PRO C 113 22.87 -25.06 5.09
C PRO C 113 23.77 -24.69 6.26
N ARG C 114 24.92 -24.10 5.98
CA ARG C 114 25.83 -23.63 7.01
C ARG C 114 25.20 -22.42 7.72
N PRO C 115 25.60 -22.16 8.97
CA PRO C 115 25.05 -21.02 9.73
C PRO C 115 25.23 -19.69 8.99
N GLY C 116 24.26 -18.79 9.17
CA GLY C 116 24.28 -17.51 8.49
C GLY C 116 23.71 -17.62 7.09
N PHE C 117 23.13 -18.78 6.77
CA PHE C 117 22.52 -18.99 5.47
C PHE C 117 21.32 -18.06 5.28
N SER C 118 20.94 -17.83 4.03
CA SER C 118 19.79 -16.99 3.71
C SER C 118 18.49 -17.80 3.78
N ALA C 119 17.62 -17.45 4.73
CA ALA C 119 16.39 -18.21 4.93
C ALA C 119 15.44 -18.10 3.75
N LYS C 120 15.50 -17.00 3.02
CA LYS C 120 14.56 -16.79 1.91
C LYS C 120 14.88 -17.67 0.70
N ALA C 121 16.00 -18.38 0.76
CA ALA C 121 16.32 -19.38 -0.27
C ALA C 121 15.41 -20.61 -0.15
N TYR C 122 14.73 -20.72 0.97
CA TYR C 122 13.81 -21.83 1.22
C TYR C 122 12.38 -21.31 1.27
N ASP C 123 11.40 -22.19 1.13
CA ASP C 123 10.02 -21.74 1.00
C ASP C 123 9.05 -22.46 1.93
N TYR C 124 7.89 -21.86 2.11
CA TYR C 124 6.77 -22.41 2.88
C TYR C 124 7.05 -22.52 4.37
N TRP C 125 7.94 -21.66 4.88
CA TRP C 125 8.24 -21.61 6.30
C TRP C 125 6.97 -21.57 7.14
N GLY C 126 6.92 -22.41 8.17
CA GLY C 126 5.80 -22.42 9.08
C GLY C 126 6.00 -21.51 10.28
N LEU C 127 4.99 -21.44 11.15
CA LEU C 127 5.04 -20.61 12.35
C LEU C 127 5.89 -21.23 13.46
N GLY C 128 6.27 -22.50 13.32
CA GLY C 128 7.18 -23.12 14.27
C GLY C 128 6.51 -23.86 15.41
N THR C 129 7.24 -24.78 16.03
CA THR C 129 6.75 -25.45 17.22
C THR C 129 7.82 -25.44 18.30
N GLN C 130 7.41 -25.20 19.54
CA GLN C 130 8.35 -25.03 20.63
C GLN C 130 8.73 -26.37 21.25
N VAL C 131 10.03 -26.60 21.36
CA VAL C 131 10.53 -27.79 22.03
C VAL C 131 11.35 -27.38 23.23
N THR C 132 10.91 -27.77 24.43
CA THR C 132 11.63 -27.44 25.65
C THR C 132 12.10 -28.68 26.39
N VAL C 133 13.41 -28.79 26.54
CA VAL C 133 14.01 -29.89 27.28
C VAL C 133 14.59 -29.38 28.59
N SER C 134 13.91 -29.68 29.69
CA SER C 134 14.30 -29.14 31.00
C SER C 134 15.66 -29.67 31.46
N SER C 135 16.12 -29.17 32.60
CA SER C 135 17.41 -29.62 33.16
C SER C 135 17.19 -30.53 34.36
N GLN D 1 -5.01 16.42 2.66
CA GLN D 1 -6.04 16.71 3.65
C GLN D 1 -6.27 18.22 3.80
N VAL D 2 -5.30 19.01 3.36
CA VAL D 2 -5.46 20.46 3.38
C VAL D 2 -6.20 20.89 2.11
N GLN D 3 -7.35 21.53 2.29
CA GLN D 3 -8.21 21.86 1.16
C GLN D 3 -9.13 23.05 1.40
N LEU D 4 -9.61 23.64 0.31
CA LEU D 4 -10.63 24.68 0.40
C LEU D 4 -11.97 24.02 0.70
N GLN D 5 -12.89 24.77 1.28
CA GLN D 5 -14.21 24.25 1.60
C GLN D 5 -15.32 25.11 0.99
N GLU D 6 -16.21 24.49 0.22
CA GLU D 6 -17.30 25.22 -0.41
C GLU D 6 -18.61 25.04 0.37
N SER D 7 -19.40 26.11 0.46
CA SER D 7 -20.68 26.05 1.14
C SER D 7 -21.63 27.12 0.60
N GLY D 8 -22.88 27.08 1.04
CA GLY D 8 -23.87 28.06 0.62
C GLY D 8 -24.73 27.62 -0.54
N GLY D 9 -24.64 26.35 -0.91
CA GLY D 9 -25.44 25.82 -2.00
C GLY D 9 -26.83 25.38 -1.55
N GLY D 10 -27.82 25.59 -2.41
CA GLY D 10 -29.18 25.19 -2.10
C GLY D 10 -30.09 25.20 -3.31
N LEU D 11 -31.39 25.02 -3.06
CA LEU D 11 -32.38 25.06 -4.12
C LEU D 11 -32.92 26.49 -4.30
N VAL D 12 -33.05 26.92 -5.54
CA VAL D 12 -33.56 28.25 -5.85
C VAL D 12 -34.38 28.25 -7.13
N GLN D 13 -35.32 29.18 -7.23
CA GLN D 13 -36.12 29.35 -8.44
C GLN D 13 -35.34 30.13 -9.48
N PRO D 14 -35.67 29.94 -10.77
CA PRO D 14 -35.02 30.70 -11.84
C PRO D 14 -35.16 32.22 -11.66
N GLY D 15 -34.11 32.96 -12.01
CA GLY D 15 -34.08 34.39 -11.78
C GLY D 15 -33.66 34.72 -10.36
N GLY D 16 -33.60 33.71 -9.51
CA GLY D 16 -33.18 33.89 -8.13
C GLY D 16 -31.69 34.14 -7.99
N SER D 17 -31.23 34.25 -6.75
CA SER D 17 -29.83 34.54 -6.48
C SER D 17 -29.27 33.67 -5.37
N LEU D 18 -27.96 33.46 -5.43
CA LEU D 18 -27.25 32.68 -4.41
C LEU D 18 -25.83 33.21 -4.23
N ARG D 19 -25.29 33.08 -3.03
CA ARG D 19 -23.90 33.45 -2.80
C ARG D 19 -23.13 32.29 -2.19
N LEU D 20 -22.11 31.83 -2.91
CA LEU D 20 -21.27 30.73 -2.46
C LEU D 20 -20.01 31.24 -1.79
N SER D 21 -19.51 30.47 -0.82
CA SER D 21 -18.28 30.84 -0.15
C SER D 21 -17.24 29.72 -0.27
N CYS D 22 -16.03 30.11 -0.66
CA CYS D 22 -14.87 29.22 -0.71
C CYS D 22 -13.89 29.55 0.40
N ALA D 23 -13.88 28.76 1.46
CA ALA D 23 -13.07 29.06 2.65
C ALA D 23 -11.93 28.06 2.84
N ALA D 24 -10.79 28.55 3.33
CA ALA D 24 -9.65 27.70 3.61
C ALA D 24 -9.80 26.87 4.88
N SER D 25 -9.62 25.56 4.74
CA SER D 25 -9.70 24.64 5.87
C SER D 25 -8.32 24.19 6.34
N GLY D 26 -7.86 24.75 7.45
CA GLY D 26 -6.56 24.38 8.00
C GLY D 26 -5.37 25.16 7.50
N PHE D 27 -5.63 26.30 6.85
CA PHE D 27 -4.55 27.13 6.34
C PHE D 27 -5.02 28.55 6.00
N THR D 28 -4.09 29.39 5.59
CA THR D 28 -4.36 30.78 5.28
C THR D 28 -4.22 31.03 3.77
N LEU D 29 -5.20 31.71 3.18
CA LEU D 29 -5.11 32.03 1.75
C LEU D 29 -3.86 32.84 1.48
N GLY D 30 -3.10 32.42 0.48
CA GLY D 30 -1.87 33.11 0.14
C GLY D 30 -2.11 33.88 -1.14
N TYR D 31 -1.03 34.32 -1.77
CA TYR D 31 -1.13 35.14 -2.96
C TYR D 31 -1.16 34.32 -4.25
N TYR D 32 -2.36 33.92 -4.66
CA TYR D 32 -2.54 33.17 -5.90
C TYR D 32 -4.00 33.26 -6.35
N PRO D 33 -4.24 33.06 -7.66
CA PRO D 33 -5.62 33.10 -8.16
C PRO D 33 -6.47 32.00 -7.54
N ILE D 34 -7.73 32.31 -7.30
CA ILE D 34 -8.69 31.33 -6.85
C ILE D 34 -9.79 31.24 -7.89
N GLY D 35 -10.14 30.02 -8.29
CA GLY D 35 -11.15 29.84 -9.33
C GLY D 35 -12.36 29.11 -8.83
N TRP D 36 -13.52 29.45 -9.38
CA TRP D 36 -14.74 28.70 -9.15
C TRP D 36 -15.02 27.84 -10.36
N PHE D 37 -15.42 26.60 -10.13
CA PHE D 37 -15.70 25.64 -11.19
C PHE D 37 -17.04 24.98 -10.93
N ARG D 38 -17.59 24.32 -11.94
CA ARG D 38 -18.81 23.57 -11.72
C ARG D 38 -18.86 22.31 -12.58
N GLN D 39 -19.59 21.33 -12.07
CA GLN D 39 -19.78 20.07 -12.79
C GLN D 39 -21.28 19.77 -12.80
N ALA D 40 -21.92 20.05 -13.94
CA ALA D 40 -23.34 19.81 -14.08
C ALA D 40 -23.56 18.32 -14.36
N PRO D 41 -24.77 17.81 -14.06
CA PRO D 41 -25.04 16.37 -14.23
C PRO D 41 -24.69 15.85 -15.63
N GLY D 42 -23.82 14.85 -15.69
CA GLY D 42 -23.43 14.24 -16.96
C GLY D 42 -22.47 15.06 -17.78
N LYS D 43 -22.02 16.19 -17.23
CA LYS D 43 -21.14 17.11 -17.94
C LYS D 43 -19.79 17.23 -17.26
N GLY D 44 -18.79 17.68 -18.01
CA GLY D 44 -17.44 17.78 -17.48
C GLY D 44 -17.24 18.98 -16.56
N LEU D 45 -16.12 18.96 -15.85
CA LEU D 45 -15.75 20.08 -15.00
C LEU D 45 -15.47 21.31 -15.86
N GLU D 46 -16.05 22.45 -15.50
CA GLU D 46 -15.82 23.65 -16.30
C GLU D 46 -15.55 24.88 -15.43
N GLY D 47 -14.73 25.78 -15.95
CA GLY D 47 -14.39 27.01 -15.24
C GLY D 47 -15.55 27.98 -15.28
N VAL D 48 -15.79 28.65 -14.16
CA VAL D 48 -16.90 29.59 -14.02
C VAL D 48 -16.38 31.02 -13.86
N SER D 49 -15.45 31.19 -12.94
CA SER D 49 -14.90 32.50 -12.65
C SER D 49 -13.60 32.35 -11.88
N CYS D 50 -12.76 33.39 -11.92
CA CYS D 50 -11.54 33.39 -11.12
C CYS D 50 -11.33 34.79 -10.57
N ILE D 51 -10.55 34.89 -9.50
CA ILE D 51 -10.12 36.17 -8.97
C ILE D 51 -8.64 36.09 -8.67
N SER D 52 -7.93 37.18 -8.94
CA SER D 52 -6.48 37.22 -8.79
C SER D 52 -6.07 37.21 -7.33
N GLY D 53 -4.78 36.98 -7.08
CA GLY D 53 -4.23 37.05 -5.75
C GLY D 53 -4.46 38.42 -5.09
N SER D 54 -4.39 39.48 -5.89
CA SER D 54 -4.63 40.83 -5.37
C SER D 54 -6.09 41.02 -4.96
N GLY D 55 -6.99 40.32 -5.65
CA GLY D 55 -8.42 40.46 -5.44
C GLY D 55 -8.98 41.59 -6.29
N GLY D 56 -8.11 42.19 -7.10
CA GLY D 56 -8.49 43.33 -7.92
C GLY D 56 -8.79 42.97 -9.36
N SER D 57 -8.42 41.76 -9.78
CA SER D 57 -8.67 41.32 -11.14
C SER D 57 -9.56 40.07 -11.16
N ALA D 58 -10.59 40.09 -11.99
CA ALA D 58 -11.51 38.97 -12.08
C ALA D 58 -11.80 38.60 -13.53
N ASN D 59 -12.17 37.35 -13.76
CA ASN D 59 -12.55 36.89 -15.08
C ASN D 59 -13.77 35.98 -14.96
N TYR D 60 -14.54 35.86 -16.04
CA TYR D 60 -15.77 35.09 -16.02
C TYR D 60 -15.95 34.29 -17.31
N ALA D 61 -16.56 33.12 -17.19
CA ALA D 61 -16.99 32.38 -18.37
C ALA D 61 -18.08 33.20 -19.03
N ALA D 62 -18.12 33.18 -20.37
CA ALA D 62 -19.06 34.00 -21.12
C ALA D 62 -20.51 33.70 -20.74
N SER D 63 -20.76 32.48 -20.29
CA SER D 63 -22.10 32.04 -19.92
CA SER D 63 -22.11 32.05 -19.93
C SER D 63 -22.62 32.72 -18.66
N VAL D 64 -21.72 33.19 -17.81
CA VAL D 64 -22.14 33.79 -16.55
C VAL D 64 -21.73 35.25 -16.41
N LYS D 65 -21.04 35.78 -17.42
CA LYS D 65 -20.57 37.16 -17.38
C LYS D 65 -21.76 38.09 -17.27
N GLY D 66 -21.73 38.95 -16.25
CA GLY D 66 -22.82 39.88 -16.01
C GLY D 66 -23.82 39.41 -14.99
N ARG D 67 -23.84 38.10 -14.74
CA ARG D 67 -24.77 37.54 -13.76
C ARG D 67 -24.06 37.12 -12.48
N PHE D 68 -22.79 36.72 -12.59
CA PHE D 68 -22.02 36.25 -11.45
C PHE D 68 -20.97 37.28 -11.04
N THR D 69 -20.71 37.38 -9.73
CA THR D 69 -19.67 38.26 -9.22
C THR D 69 -18.79 37.52 -8.22
N ILE D 70 -17.48 37.47 -8.48
CA ILE D 70 -16.56 36.84 -7.56
C ILE D 70 -15.81 37.90 -6.76
N SER D 71 -15.58 37.65 -5.47
CA SER D 71 -14.89 38.61 -4.64
C SER D 71 -14.00 37.93 -3.62
N ARG D 72 -12.99 38.66 -3.15
CA ARG D 72 -12.03 38.12 -2.21
C ARG D 72 -12.00 38.87 -0.88
N ASP D 73 -12.14 38.13 0.22
CA ASP D 73 -12.01 38.66 1.57
C ASP D 73 -10.93 37.88 2.30
N ASN D 74 -9.67 38.26 2.11
CA ASN D 74 -8.56 37.52 2.68
C ASN D 74 -8.57 37.51 4.20
N ALA D 75 -9.15 38.54 4.80
CA ALA D 75 -9.27 38.61 6.26
C ALA D 75 -10.08 37.44 6.80
N LYS D 76 -11.15 37.08 6.10
CA LYS D 76 -12.00 35.97 6.53
C LYS D 76 -11.61 34.68 5.81
N ASN D 77 -10.49 34.72 5.09
CA ASN D 77 -9.97 33.57 4.37
C ASN D 77 -11.00 32.96 3.43
N THR D 78 -11.80 33.82 2.80
CA THR D 78 -12.89 33.34 1.96
C THR D 78 -12.98 34.08 0.63
N VAL D 79 -13.22 33.32 -0.43
CA VAL D 79 -13.54 33.87 -1.74
C VAL D 79 -15.03 33.62 -2.00
N TYR D 80 -15.75 34.66 -2.40
CA TYR D 80 -17.19 34.59 -2.57
C TYR D 80 -17.60 34.53 -4.04
N LEU D 81 -18.63 33.75 -4.33
CA LEU D 81 -19.25 33.79 -5.65
C LEU D 81 -20.71 34.18 -5.54
N GLN D 82 -21.02 35.41 -5.90
CA GLN D 82 -22.39 35.89 -5.90
C GLN D 82 -23.08 35.56 -7.22
N MET D 83 -24.07 34.69 -7.17
CA MET D 83 -24.76 34.24 -8.38
C MET D 83 -26.14 34.87 -8.51
N ASN D 84 -26.34 35.69 -9.53
CA ASN D 84 -27.62 36.34 -9.75
C ASN D 84 -28.27 35.90 -11.06
N SER D 85 -29.58 36.11 -11.16
CA SER D 85 -30.37 35.75 -12.35
C SER D 85 -30.10 34.30 -12.75
N LEU D 86 -30.21 33.42 -11.77
CA LEU D 86 -29.88 32.01 -11.96
C LEU D 86 -30.78 31.33 -12.99
N LYS D 87 -30.18 30.47 -13.81
CA LYS D 87 -30.89 29.72 -14.84
C LYS D 87 -30.81 28.22 -14.53
N PRO D 88 -31.72 27.43 -15.12
CA PRO D 88 -31.66 25.98 -14.87
C PRO D 88 -30.36 25.35 -15.37
N GLU D 89 -29.70 26.02 -16.31
CA GLU D 89 -28.41 25.56 -16.82
C GLU D 89 -27.28 25.77 -15.81
N ASP D 90 -27.55 26.57 -14.77
CA ASP D 90 -26.56 26.84 -13.73
C ASP D 90 -26.54 25.73 -12.67
N THR D 91 -27.47 24.80 -12.78
CA THR D 91 -27.56 23.68 -11.85
C THR D 91 -26.32 22.78 -11.94
N ALA D 92 -25.58 22.68 -10.84
CA ALA D 92 -24.34 21.91 -10.83
C ALA D 92 -23.78 21.75 -9.43
N ILE D 93 -22.72 20.95 -9.31
CA ILE D 93 -21.90 20.95 -8.12
C ILE D 93 -20.81 21.99 -8.33
N TYR D 94 -20.68 22.92 -7.40
CA TYR D 94 -19.71 24.00 -7.55
C TYR D 94 -18.46 23.76 -6.70
N TYR D 95 -17.30 23.88 -7.33
CA TYR D 95 -16.02 23.63 -6.68
C TYR D 95 -15.13 24.86 -6.78
N CYS D 96 -14.23 25.02 -5.82
CA CYS D 96 -13.19 26.04 -5.94
C CYS D 96 -11.81 25.42 -5.79
N ALA D 97 -10.83 26.04 -6.43
CA ALA D 97 -9.46 25.56 -6.42
C ALA D 97 -8.48 26.72 -6.58
N ALA D 98 -7.23 26.49 -6.22
CA ALA D 98 -6.20 27.51 -6.32
C ALA D 98 -5.27 27.22 -7.50
N ASP D 99 -4.78 28.29 -8.12
CA ASP D 99 -3.80 28.19 -9.18
C ASP D 99 -2.42 28.48 -8.61
N LEU D 100 -1.62 27.44 -8.46
CA LEU D 100 -0.31 27.55 -7.83
C LEU D 100 0.81 27.56 -8.86
N SER D 101 0.46 27.71 -10.14
CA SER D 101 1.42 27.59 -11.22
C SER D 101 2.48 28.70 -11.23
N SER D 102 2.06 29.95 -11.02
CA SER D 102 2.99 31.08 -11.12
C SER D 102 2.95 32.00 -9.91
N LEU D 103 3.50 31.55 -8.79
CA LEU D 103 3.58 32.39 -7.59
C LEU D 103 4.51 33.59 -7.82
N VAL D 106 4.82 35.82 -11.41
CA VAL D 106 3.72 36.72 -11.09
C VAL D 106 2.86 37.01 -12.31
N GLN D 107 1.54 37.01 -12.12
CA GLN D 107 0.60 37.28 -13.19
C GLN D 107 -0.34 38.42 -12.79
N ALA D 108 -1.13 38.91 -13.74
CA ALA D 108 -2.05 40.00 -13.46
C ALA D 108 -3.50 39.61 -13.75
N MET D 109 -3.75 39.05 -14.93
CA MET D 109 -5.12 38.71 -15.33
C MET D 109 -5.39 37.22 -15.21
N CYS D 110 -6.53 36.89 -14.60
CA CYS D 110 -6.99 35.50 -14.46
C CYS D 110 -7.08 34.75 -15.78
N VAL D 111 -7.03 33.44 -15.69
CA VAL D 111 -7.34 32.57 -16.82
C VAL D 111 -8.44 31.58 -16.46
N ILE D 112 -9.51 31.60 -17.25
CA ILE D 112 -10.55 30.59 -17.16
C ILE D 112 -10.20 29.48 -18.12
N PRO D 113 -9.95 28.28 -17.58
CA PRO D 113 -9.55 27.12 -18.39
C PRO D 113 -10.65 26.67 -19.36
N ARG D 114 -10.25 26.33 -20.58
CA ARG D 114 -11.18 25.78 -21.57
C ARG D 114 -11.58 24.35 -21.16
N PRO D 115 -12.76 23.89 -21.62
CA PRO D 115 -13.23 22.54 -21.30
C PRO D 115 -12.23 21.45 -21.65
N GLY D 116 -12.22 20.40 -20.84
CA GLY D 116 -11.28 19.29 -21.02
C GLY D 116 -9.95 19.57 -20.37
N PHE D 117 -9.85 20.66 -19.62
CA PHE D 117 -8.61 21.00 -18.94
C PHE D 117 -8.28 19.96 -17.89
N SER D 118 -7.01 19.89 -17.50
CA SER D 118 -6.58 18.96 -16.47
C SER D 118 -6.76 19.56 -15.08
N ALA D 119 -7.63 18.94 -14.29
CA ALA D 119 -7.98 19.47 -12.97
C ALA D 119 -6.81 19.45 -12.00
N LYS D 120 -5.87 18.53 -12.22
CA LYS D 120 -4.76 18.39 -11.28
C LYS D 120 -3.72 19.52 -11.43
N ALA D 121 -3.92 20.37 -12.43
CA ALA D 121 -3.12 21.58 -12.58
C ALA D 121 -3.49 22.60 -11.52
N TYR D 122 -4.61 22.36 -10.83
CA TYR D 122 -5.06 23.23 -9.75
C TYR D 122 -5.02 22.49 -8.42
N ASP D 123 -5.06 23.24 -7.33
CA ASP D 123 -4.85 22.64 -6.02
C ASP D 123 -5.90 23.01 -4.98
N TYR D 124 -5.92 22.22 -3.91
CA TYR D 124 -6.78 22.45 -2.75
C TYR D 124 -8.26 22.31 -3.06
N TRP D 125 -8.60 21.54 -4.10
CA TRP D 125 -9.98 21.26 -4.45
C TRP D 125 -10.82 20.87 -3.23
N GLY D 126 -12.01 21.44 -3.11
CA GLY D 126 -12.93 21.08 -2.05
C GLY D 126 -13.88 19.97 -2.45
N LEU D 127 -14.74 19.55 -1.52
CA LEU D 127 -15.73 18.53 -1.82
C LEU D 127 -16.91 19.09 -2.59
N GLY D 128 -17.02 20.41 -2.68
CA GLY D 128 -18.04 21.00 -3.51
C GLY D 128 -19.34 21.30 -2.79
N THR D 129 -20.13 22.19 -3.36
CA THR D 129 -21.45 22.50 -2.83
C THR D 129 -22.47 22.45 -3.97
N GLN D 130 -23.64 21.88 -3.68
CA GLN D 130 -24.66 21.64 -4.69
C GLN D 130 -25.57 22.84 -4.93
N VAL D 131 -25.70 23.22 -6.20
CA VAL D 131 -26.61 24.29 -6.59
C VAL D 131 -27.68 23.76 -7.53
N THR D 132 -28.93 23.86 -7.10
CA THR D 132 -30.06 23.38 -7.89
C THR D 132 -31.01 24.52 -8.20
N VAL D 133 -31.23 24.77 -9.48
CA VAL D 133 -32.18 25.78 -9.91
C VAL D 133 -33.41 25.09 -10.49
N SER D 134 -34.49 25.06 -9.71
CA SER D 134 -35.69 24.31 -10.05
C SER D 134 -36.97 25.08 -9.73
N SER D 135 -38.11 24.47 -10.05
CA SER D 135 -39.41 25.08 -9.79
C SER D 135 -40.09 24.40 -8.60
N1 IMD E . 5.74 9.04 -18.48
C2 IMD E . 6.77 8.31 -18.98
N3 IMD E . 7.78 8.31 -18.08
C4 IMD E . 7.39 9.04 -17.01
C5 IMD E . 6.10 9.50 -17.26
C1 EDO F . -5.99 6.89 -0.20
O1 EDO F . -7.37 7.25 -0.05
C2 EDO F . -5.62 6.83 -1.68
O2 EDO F . -4.20 6.83 -1.85
C1 EDO G . -4.99 -13.40 4.38
O1 EDO G . -3.77 -12.69 4.63
C2 EDO G . -4.87 -14.81 4.95
O2 EDO G . -3.65 -15.42 4.50
C1 EDO H . -6.42 4.21 -16.36
O1 EDO H . -7.14 4.25 -17.59
C2 EDO H . -5.33 5.28 -16.34
O2 EDO H . -5.87 6.54 -16.73
C1 EDO I . 10.64 -0.61 -9.81
O1 EDO I . 9.50 -0.11 -10.51
C2 EDO I . 10.41 -0.45 -8.31
O2 EDO I . 9.10 -0.91 -7.97
C1 EDO J . -4.75 8.55 -9.15
O1 EDO J . -4.65 7.84 -7.90
C2 EDO J . -6.17 9.05 -9.38
O2 EDO J . -6.36 10.39 -8.88
C1 EDO K . -17.84 -7.03 14.91
O1 EDO K . -17.22 -5.85 14.37
C2 EDO K . -16.77 -7.99 15.42
O2 EDO K . -15.74 -7.25 16.11
C1 EDO L . -21.62 -4.61 7.84
O1 EDO L . -22.30 -5.17 6.72
C2 EDO L . -22.62 -4.37 8.97
O2 EDO L . -23.27 -5.61 9.26
C1 EDO M . -13.26 14.69 -20.94
O1 EDO M . -12.25 14.48 -19.94
C2 EDO M . -12.88 13.94 -22.21
O2 EDO M . -12.74 12.54 -21.92
N1 IMD N . 18.43 -4.90 -8.26
C2 IMD N . 19.07 -3.90 -8.90
N3 IMD N . 19.88 -3.27 -8.00
C4 IMD N . 19.75 -3.89 -6.81
C5 IMD N . 18.83 -4.92 -6.97
C1 EDO O . 2.58 -7.66 5.25
O1 EDO O . 1.32 -7.90 5.89
C2 EDO O . 2.34 -7.15 3.84
O2 EDO O . 3.59 -6.94 3.18
C1 EDO P . -8.07 0.29 23.51
O1 EDO P . -7.31 -0.47 22.57
C2 EDO P . -9.25 -0.56 23.97
O2 EDO P . -9.79 -1.24 22.83
C1 EDO Q . 8.05 4.19 -9.99
O1 EDO Q . 7.67 3.80 -8.67
C2 EDO Q . 9.55 4.05 -10.14
O2 EDO Q . 10.14 4.27 -8.86
C1 EDO R . 23.53 -7.20 15.60
O1 EDO R . 24.18 -5.95 15.34
C2 EDO R . 22.18 -6.95 16.28
O2 EDO R . 21.49 -8.18 16.41
C1 EDO S . -1.69 9.09 -12.92
O1 EDO S . -0.71 8.73 -13.90
C2 EDO S . -2.95 8.26 -13.14
O2 EDO S . -3.37 8.42 -14.50
C1 EDO T . -14.84 0.36 18.25
O1 EDO T . -15.12 1.76 18.25
C2 EDO T . -16.10 -0.38 17.82
O2 EDO T . -16.04 -1.74 18.27
C1 EDO U . 11.78 -8.30 4.01
O1 EDO U . 11.07 -7.41 4.86
C2 EDO U . 11.83 -9.69 4.64
O2 EDO U . 10.51 -10.11 5.00
#